data_7XD1
#
_entry.id   7XD1
#
_cell.length_a   1.00
_cell.length_b   1.00
_cell.length_c   1.00
_cell.angle_alpha   90.00
_cell.angle_beta   90.00
_cell.angle_gamma   90.00
#
_symmetry.space_group_name_H-M   'P 1'
#
loop_
_entity.id
_entity.type
_entity.pdbx_description
1 polymer 'Histone H3'
2 polymer 'Histone H4'
3 polymer 'Histone H2A type 1-B/E'
4 polymer 'DNA (147-MER)'
5 polymer 'DNA (147-MER)'
6 polymer 'Histone H2B type 1-K'
#
loop_
_entity_poly.entity_id
_entity_poly.type
_entity_poly.pdbx_seq_one_letter_code
_entity_poly.pdbx_strand_id
1 'polypeptide(L)'
;KPHRYRPGTVALREIRRYQKSTELLIRKLPFQRLVREIAQDFKTDLRFQSSAVMALQEACEAYLVGLFEDTNLCAIHAKR
VTIMPKDIQLARRIRGER
;
A,E
2 'polypeptide(L)' LRDNIQGITKPAIRRLARRGGVKRISGLIYEETRGVLKVFLENVIRDAVTYTEHAKRKTVTAMDVVYALKRQGRTLYGFG B,F
3 'polypeptide(L)'
;ARAKAKTRSSRAGLQFPVGRVHRLLRKGNYSERVGAGAPVYLAAVLEYLTAEILELAGNAARDNKKTRIIPRHLQLAIRN
DEELNKLLGRVTIAQGGVLPNIQAVLLPK
;
C,G
4 'polydeoxyribonucleotide'
;(DA)(DC)(DA)(DG)(DG)(DA)(DT)(DG)(DT)(DA)(DT)(DA)(DT)(DA)(DT)(DC)(DT)(DG)(DA)(DC)
(DA)(DC)(DG)(DT)(DG)(DC)(DC)(DT)(DG)(DG)(DA)(DG)(DA)(DC)(DT)(DA)(DG)(DG)(DG)(DA)
(DG)(DT)(DA)(DA)(DT)(DC)(DC)(DC)(DC)(DT)(DT)(DG)(DG)(DC)(DG)(DG)(DT)(DT)(DA)(DA)
(DA)(DA)(DC)(DG)(DC)(DG)(DG)(DG)(DG)(DG)(DA)(DC)(DA)(DG)(DC)(DG)(DC)(DG)(DT)(DA)
(DC)(DG)(DT)(DG)(DC)(DG)(DT)(DT)(DT)(DA)(DA)(DG)(DC)(DG)(DG)(DT)(DG)(DC)(DT)(DA)
(DG)(DA)(DG)(DC)(DT)(DG)(DT)(DC)(DT)(DA)(DC)(DG)(DA)(DC)(DC)(DA)(DA)(DT)(DT)(DG)
(DA)(DG)(DC)(DG)(DG)(DC)(DC)(DT)(DC)(DG)(DG)(DC)(DA)(DC)(DC)(DG)(DG)(DG)(DA)(DT)
(DT)(DC)(DT)(DC)(DC)(DA)(DG)
;
I
5 'polydeoxyribonucleotide'
;(DC)(DT)(DG)(DG)(DA)(DG)(DA)(DA)(DT)(DC)(DC)(DC)(DG)(DG)(DT)(DG)(DC)(DC)(DG)(DA)
(DG)(DG)(DC)(DC)(DG)(DC)(DT)(DC)(DA)(DA)(DT)(DT)(DG)(DG)(DT)(DC)(DG)(DT)(DA)(DG)
(DA)(DC)(DA)(DG)(DC)(DT)(DC)(DT)(DA)(DG)(DC)(DA)(DC)(DC)(DG)(DC)(DT)(DT)(DA)(DA)
(DA)(DC)(DG)(DC)(DA)(DC)(DG)(DT)(DA)(DC)(DG)(DC)(DG)(DC)(DT)(DG)(DT)(DC)(DC)(DC)
(DC)(DC)(DG)(DC)(DG)(DT)(DT)(DT)(DT)(DA)(DA)(DC)(DC)(DG)(DC)(DC)(DA)(DA)(DG)(DG)
(DG)(DG)(DA)(DT)(DT)(DA)(DC)(DT)(DC)(DC)(DC)(DT)(DA)(DG)(DT)(DC)(DT)(DC)(DC)(DA)
(DG)(DG)(DC)(DA)(DC)(DG)(DT)(DG)(DT)(DC)(DA)(DG)(DA)(DT)(DA)(DT)(DA)(DT)(DA)(DC)
(DA)(DT)(DC)(DC)(DT)(DG)(DT)
;
J
6 'polypeptide(L)'
;RSRKESYSVYVYKVLKQVHPDTGISSKAMGIMNSFVNDIFERIAGEASRLAHYNKRSTITSREIQTAVRLLLPGELAKHA
VSEGTKAVTKYTSA
;
D,H
#
loop_
_chem_comp.id
_chem_comp.type
_chem_comp.name
_chem_comp.formula
DA DNA linking 2'-DEOXYADENOSINE-5'-MONOPHOSPHATE 'C10 H14 N5 O6 P'
DC DNA linking 2'-DEOXYCYTIDINE-5'-MONOPHOSPHATE 'C9 H14 N3 O7 P'
DG DNA linking 2'-DEOXYGUANOSINE-5'-MONOPHOSPHATE 'C10 H14 N5 O7 P'
DT DNA linking THYMIDINE-5'-MONOPHOSPHATE 'C10 H15 N2 O8 P'
#
# COMPACT_ATOMS: atom_id res chain seq x y z
N LYS A 1 -41.10 9.64 -41.45
CA LYS A 1 -41.09 8.57 -40.47
C LYS A 1 -40.05 8.89 -39.40
N PRO A 2 -40.45 8.78 -38.13
CA PRO A 2 -39.52 9.07 -37.03
C PRO A 2 -38.49 7.97 -36.86
N HIS A 3 -37.23 8.38 -36.84
CA HIS A 3 -36.10 7.45 -36.88
C HIS A 3 -35.52 7.27 -35.48
N ARG A 4 -35.29 6.02 -35.10
CA ARG A 4 -34.78 5.67 -33.77
C ARG A 4 -33.74 4.57 -33.90
N TYR A 5 -32.58 4.77 -33.29
CA TYR A 5 -31.60 3.71 -33.17
C TYR A 5 -32.07 2.66 -32.16
N ARG A 6 -31.56 1.45 -32.30
CA ARG A 6 -31.91 0.37 -31.38
C ARG A 6 -31.29 0.62 -30.00
N PRO A 7 -31.95 0.17 -28.92
CA PRO A 7 -31.40 0.43 -27.58
C PRO A 7 -30.11 -0.33 -27.31
N GLY A 8 -29.02 0.43 -27.25
CA GLY A 8 -27.70 -0.12 -27.10
C GLY A 8 -26.67 0.54 -27.99
N THR A 9 -27.08 1.04 -29.15
CA THR A 9 -26.10 1.41 -30.17
C THR A 9 -25.50 2.79 -29.92
N VAL A 10 -26.27 3.76 -29.42
CA VAL A 10 -25.64 5.01 -29.04
C VAL A 10 -24.94 4.87 -27.70
N ALA A 11 -25.28 3.84 -26.93
CA ALA A 11 -24.51 3.54 -25.71
C ALA A 11 -23.11 3.12 -26.05
N LEU A 12 -22.93 2.35 -27.13
CA LEU A 12 -21.58 1.97 -27.55
C LEU A 12 -20.81 3.14 -28.16
N ARG A 13 -21.47 4.05 -28.86
CA ARG A 13 -20.70 5.13 -29.47
C ARG A 13 -20.30 6.19 -28.46
N GLU A 14 -20.92 6.22 -27.28
CA GLU A 14 -20.44 7.08 -26.21
C GLU A 14 -19.73 6.29 -25.11
N ILE A 15 -19.47 5.01 -25.33
CA ILE A 15 -18.35 4.38 -24.64
C ILE A 15 -17.06 4.68 -25.41
N ARG A 16 -17.16 4.70 -26.74
CA ARG A 16 -16.01 5.06 -27.55
C ARG A 16 -15.69 6.54 -27.45
N ARG A 17 -16.69 7.37 -27.17
CA ARG A 17 -16.49 8.81 -27.18
C ARG A 17 -15.74 9.29 -25.96
N TYR A 18 -16.10 8.78 -24.78
CA TYR A 18 -15.47 9.25 -23.54
C TYR A 18 -14.25 8.44 -23.15
N GLN A 19 -14.01 7.29 -23.77
CA GLN A 19 -12.73 6.62 -23.58
C GLN A 19 -11.64 7.19 -24.47
N LYS A 20 -11.97 8.10 -25.37
CA LYS A 20 -11.00 8.73 -26.25
C LYS A 20 -10.56 10.10 -25.74
N SER A 21 -11.36 10.73 -24.89
CA SER A 21 -11.10 12.09 -24.42
C SER A 21 -10.45 12.08 -23.04
N THR A 22 -10.19 13.28 -22.52
CA THR A 22 -9.63 13.47 -21.19
C THR A 22 -10.42 14.45 -20.35
N GLU A 23 -11.55 14.94 -20.84
CA GLU A 23 -12.29 16.00 -20.19
C GLU A 23 -12.85 15.55 -18.84
N LEU A 24 -13.09 16.53 -17.97
CA LEU A 24 -13.65 16.22 -16.66
C LEU A 24 -15.15 16.15 -16.74
N LEU A 25 -15.70 15.01 -16.35
CA LEU A 25 -17.09 14.68 -16.64
C LEU A 25 -18.07 15.21 -15.61
N ILE A 26 -17.63 15.49 -14.40
CA ILE A 26 -18.48 16.14 -13.41
C ILE A 26 -18.40 17.63 -13.66
N ARG A 27 -19.54 18.32 -13.61
CA ARG A 27 -19.56 19.77 -13.75
C ARG A 27 -18.84 20.41 -12.57
N LYS A 28 -18.12 21.49 -12.86
CA LYS A 28 -17.11 21.98 -11.92
C LYS A 28 -17.69 22.76 -10.76
N LEU A 29 -18.66 23.62 -11.00
CA LEU A 29 -19.30 24.39 -9.94
C LEU A 29 -20.09 23.55 -8.91
N PRO A 30 -20.91 22.55 -9.27
CA PRO A 30 -21.54 21.77 -8.20
C PRO A 30 -20.60 20.87 -7.45
N PHE A 31 -19.46 20.50 -8.05
CA PHE A 31 -18.47 19.74 -7.30
C PHE A 31 -17.75 20.62 -6.30
N GLN A 32 -17.55 21.88 -6.63
CA GLN A 32 -16.85 22.78 -5.73
C GLN A 32 -17.71 23.18 -4.55
N ARG A 33 -19.03 23.20 -4.73
CA ARG A 33 -19.92 23.42 -3.59
C ARG A 33 -19.96 22.19 -2.69
N LEU A 34 -19.71 21.01 -3.24
CA LEU A 34 -19.72 19.78 -2.46
C LEU A 34 -18.48 19.66 -1.58
N VAL A 35 -17.30 19.99 -2.13
CA VAL A 35 -16.06 19.95 -1.38
C VAL A 35 -16.11 20.89 -0.19
N ARG A 36 -16.61 22.10 -0.39
CA ARG A 36 -16.73 23.06 0.69
C ARG A 36 -17.81 22.67 1.69
N GLU A 37 -18.82 21.92 1.26
CA GLU A 37 -19.85 21.44 2.19
C GLU A 37 -19.33 20.33 3.08
N ILE A 38 -18.51 19.43 2.53
CA ILE A 38 -17.93 18.36 3.32
C ILE A 38 -16.84 18.89 4.24
N ALA A 39 -16.07 19.88 3.79
CA ALA A 39 -14.96 20.40 4.56
C ALA A 39 -15.38 21.21 5.77
N GLN A 40 -16.63 21.65 5.86
CA GLN A 40 -17.08 22.36 7.05
C GLN A 40 -17.27 21.44 8.25
N ASP A 41 -17.27 20.13 8.06
CA ASP A 41 -17.33 19.20 9.17
C ASP A 41 -16.00 19.06 9.91
N PHE A 42 -14.96 19.72 9.46
CA PHE A 42 -13.65 19.56 10.08
C PHE A 42 -13.05 20.87 10.53
N LYS A 43 -13.19 21.95 9.75
CA LYS A 43 -12.88 23.30 10.18
C LYS A 43 -13.87 24.27 9.56
N THR A 44 -14.22 25.30 10.31
CA THR A 44 -15.00 26.40 9.77
C THR A 44 -14.07 27.35 9.02
N ASP A 45 -14.69 28.22 8.21
CA ASP A 45 -14.17 29.25 7.30
C ASP A 45 -12.83 28.89 6.64
N LEU A 46 -12.75 27.69 6.11
CA LEU A 46 -11.61 27.30 5.30
C LEU A 46 -11.65 27.98 3.94
N ARG A 47 -10.46 28.15 3.37
CA ARG A 47 -10.33 28.61 2.00
C ARG A 47 -9.68 27.50 1.20
N PHE A 48 -9.88 27.53 -0.10
CA PHE A 48 -9.32 26.54 -0.99
C PHE A 48 -8.58 27.24 -2.11
N GLN A 49 -7.44 26.68 -2.49
CA GLN A 49 -6.85 27.10 -3.75
C GLN A 49 -7.69 26.58 -4.90
N SER A 50 -7.54 27.22 -6.06
CA SER A 50 -8.23 26.76 -7.25
C SER A 50 -7.70 25.40 -7.68
N SER A 51 -6.39 25.19 -7.56
CA SER A 51 -5.81 23.91 -7.94
C SER A 51 -5.97 22.84 -6.89
N ALA A 52 -6.41 23.20 -5.69
CA ALA A 52 -6.71 22.17 -4.70
C ALA A 52 -8.07 21.55 -4.92
N VAL A 53 -9.02 22.32 -5.44
CA VAL A 53 -10.32 21.75 -5.80
C VAL A 53 -10.20 20.93 -7.07
N MET A 54 -9.35 21.38 -8.00
CA MET A 54 -9.13 20.65 -9.24
C MET A 54 -8.29 19.41 -9.04
N ALA A 55 -7.58 19.30 -7.92
CA ALA A 55 -6.86 18.07 -7.60
C ALA A 55 -7.80 17.04 -7.00
N LEU A 56 -8.74 17.50 -6.17
CA LEU A 56 -9.82 16.65 -5.69
C LEU A 56 -10.76 16.26 -6.82
N GLN A 57 -10.88 17.14 -7.82
CA GLN A 57 -11.68 16.82 -9.00
C GLN A 57 -11.10 15.63 -9.74
N GLU A 58 -9.83 15.72 -10.14
CA GLU A 58 -9.14 14.68 -10.91
C GLU A 58 -9.06 13.36 -10.17
N ALA A 59 -8.99 13.39 -8.84
CA ALA A 59 -8.86 12.16 -8.06
C ALA A 59 -10.16 11.39 -7.98
N CYS A 60 -11.28 12.11 -7.94
CA CYS A 60 -12.56 11.45 -7.70
C CYS A 60 -13.11 10.77 -8.94
N GLU A 61 -12.89 11.33 -10.14
CA GLU A 61 -13.35 10.62 -11.32
C GLU A 61 -12.47 9.41 -11.60
N ALA A 62 -11.17 9.53 -11.32
CA ALA A 62 -10.28 8.39 -11.48
C ALA A 62 -10.62 7.26 -10.52
N TYR A 63 -11.11 7.60 -9.33
CA TYR A 63 -11.63 6.59 -8.43
C TYR A 63 -12.92 5.98 -8.96
N LEU A 64 -13.80 6.79 -9.53
CA LEU A 64 -15.09 6.27 -9.95
C LEU A 64 -15.01 5.50 -11.26
N VAL A 65 -14.23 5.99 -12.22
CA VAL A 65 -14.05 5.27 -13.49
C VAL A 65 -13.35 3.94 -13.25
N GLY A 66 -12.37 3.91 -12.35
CA GLY A 66 -11.74 2.66 -11.98
C GLY A 66 -12.68 1.73 -11.24
N LEU A 67 -13.62 2.29 -10.47
CA LEU A 67 -14.63 1.48 -9.83
C LEU A 67 -15.68 0.98 -10.81
N PHE A 68 -16.06 1.79 -11.80
CA PHE A 68 -17.01 1.31 -12.79
C PHE A 68 -16.40 0.32 -13.77
N GLU A 69 -15.07 0.22 -13.82
CA GLU A 69 -14.46 -0.89 -14.54
C GLU A 69 -14.55 -2.17 -13.74
N ASP A 70 -14.32 -2.09 -12.43
CA ASP A 70 -14.37 -3.30 -11.59
C ASP A 70 -15.79 -3.79 -11.39
N THR A 71 -16.76 -2.88 -11.34
CA THR A 71 -18.13 -3.32 -11.15
C THR A 71 -18.76 -3.84 -12.43
N ASN A 72 -18.16 -3.57 -13.58
CA ASN A 72 -18.68 -4.09 -14.83
C ASN A 72 -18.32 -5.55 -14.99
N LEU A 73 -17.11 -5.92 -14.58
CA LEU A 73 -16.70 -7.31 -14.63
C LEU A 73 -17.38 -8.15 -13.56
N CYS A 74 -17.95 -7.53 -12.54
CA CYS A 74 -18.78 -8.28 -11.61
C CYS A 74 -20.15 -8.56 -12.18
N ALA A 75 -20.62 -7.73 -13.12
CA ALA A 75 -21.93 -7.95 -13.71
C ALA A 75 -21.84 -8.93 -14.87
N ILE A 76 -20.77 -8.87 -15.66
CA ILE A 76 -20.55 -9.83 -16.73
C ILE A 76 -20.29 -11.23 -16.16
N HIS A 77 -19.67 -11.30 -14.98
CA HIS A 77 -19.44 -12.57 -14.32
C HIS A 77 -20.73 -13.21 -13.84
N ALA A 78 -21.72 -12.41 -13.48
CA ALA A 78 -23.00 -12.93 -13.06
C ALA A 78 -23.94 -13.18 -14.23
N LYS A 79 -23.42 -13.14 -15.46
CA LYS A 79 -24.13 -13.42 -16.70
C LYS A 79 -25.28 -12.43 -16.92
N ARG A 80 -24.92 -11.16 -16.91
CA ARG A 80 -25.81 -10.09 -17.33
C ARG A 80 -24.97 -8.92 -17.79
N VAL A 81 -25.63 -7.91 -18.36
CA VAL A 81 -24.94 -6.73 -18.87
C VAL A 81 -25.29 -5.47 -18.12
N THR A 82 -26.28 -5.51 -17.24
CA THR A 82 -26.69 -4.35 -16.44
C THR A 82 -26.02 -4.39 -15.09
N ILE A 83 -25.31 -3.33 -14.74
CA ILE A 83 -24.70 -3.22 -13.42
C ILE A 83 -25.79 -2.82 -12.43
N MET A 84 -25.86 -3.53 -11.32
CA MET A 84 -26.81 -3.30 -10.24
C MET A 84 -26.05 -2.99 -8.98
N PRO A 85 -26.66 -2.31 -7.99
CA PRO A 85 -25.90 -1.85 -6.82
C PRO A 85 -25.39 -2.96 -5.90
N LYS A 86 -25.70 -4.22 -6.16
CA LYS A 86 -25.01 -5.31 -5.51
C LYS A 86 -23.64 -5.58 -6.12
N ASP A 87 -23.39 -5.07 -7.34
CA ASP A 87 -22.10 -5.29 -7.97
C ASP A 87 -21.04 -4.33 -7.48
N ILE A 88 -21.45 -3.12 -7.11
CA ILE A 88 -20.54 -2.16 -6.50
C ILE A 88 -20.12 -2.63 -5.12
N GLN A 89 -21.03 -3.24 -4.39
CA GLN A 89 -20.75 -3.72 -3.05
C GLN A 89 -19.83 -4.93 -3.08
N LEU A 90 -19.83 -5.70 -4.16
CA LEU A 90 -18.88 -6.79 -4.31
C LEU A 90 -17.50 -6.27 -4.69
N ALA A 91 -17.44 -5.30 -5.60
CA ALA A 91 -16.15 -4.75 -6.01
C ALA A 91 -15.50 -3.94 -4.90
N ARG A 92 -16.29 -3.31 -4.04
CA ARG A 92 -15.71 -2.56 -2.94
C ARG A 92 -15.41 -3.41 -1.73
N ARG A 93 -15.74 -4.69 -1.74
CA ARG A 93 -15.39 -5.56 -0.62
C ARG A 93 -14.25 -6.50 -0.97
N ILE A 94 -14.08 -6.83 -2.24
CA ILE A 94 -12.92 -7.63 -2.64
C ILE A 94 -11.65 -6.78 -2.57
N ARG A 95 -11.74 -5.50 -2.91
CA ARG A 95 -10.55 -4.67 -2.85
C ARG A 95 -10.17 -4.30 -1.42
N GLY A 96 -11.12 -4.32 -0.49
CA GLY A 96 -10.80 -4.10 0.90
C GLY A 96 -11.19 -2.74 1.38
N GLU A 97 -12.32 -2.23 0.88
CA GLU A 97 -12.83 -0.94 1.30
C GLU A 97 -14.05 -1.05 2.19
N ARG A 98 -14.65 -2.23 2.28
CA ARG A 98 -15.88 -2.38 3.02
C ARG A 98 -15.99 -3.80 3.57
N LEU B 1 -23.50 25.34 3.95
CA LEU B 1 -23.87 24.67 2.71
C LEU B 1 -24.61 23.38 3.01
N ARG B 2 -25.54 23.02 2.12
CA ARG B 2 -26.41 21.87 2.36
C ARG B 2 -27.01 21.44 1.03
N ASP B 3 -27.22 20.12 0.90
CA ASP B 3 -27.88 19.48 -0.25
C ASP B 3 -27.11 19.74 -1.55
N ASN B 4 -25.84 19.34 -1.52
CA ASN B 4 -24.95 19.52 -2.65
C ASN B 4 -24.56 18.21 -3.31
N ILE B 5 -24.96 17.07 -2.75
CA ILE B 5 -24.58 15.80 -3.34
C ILE B 5 -25.41 15.50 -4.59
N GLN B 6 -26.56 16.12 -4.75
CA GLN B 6 -27.34 15.95 -5.98
C GLN B 6 -26.89 16.89 -7.08
N GLY B 7 -25.85 17.69 -6.84
CA GLY B 7 -25.17 18.34 -7.95
C GLY B 7 -24.43 17.38 -8.84
N ILE B 8 -24.08 16.22 -8.31
CA ILE B 8 -23.56 15.12 -9.13
C ILE B 8 -24.77 14.42 -9.72
N THR B 9 -25.14 14.83 -10.92
CA THR B 9 -26.44 14.53 -11.47
C THR B 9 -26.45 13.14 -12.09
N LYS B 10 -27.65 12.67 -12.40
CA LYS B 10 -27.82 11.41 -13.11
C LYS B 10 -27.08 11.30 -14.44
N PRO B 11 -27.02 12.30 -15.33
CA PRO B 11 -26.18 12.12 -16.51
C PRO B 11 -24.69 12.28 -16.27
N ALA B 12 -24.27 12.77 -15.11
CA ALA B 12 -22.84 12.86 -14.82
C ALA B 12 -22.27 11.56 -14.31
N ILE B 13 -23.06 10.83 -13.51
CA ILE B 13 -22.66 9.48 -13.10
C ILE B 13 -22.70 8.54 -14.29
N ARG B 14 -23.62 8.77 -15.22
CA ARG B 14 -23.69 7.96 -16.42
C ARG B 14 -22.49 8.18 -17.33
N ARG B 15 -22.04 9.42 -17.50
CA ARG B 15 -20.85 9.67 -18.29
C ARG B 15 -19.57 9.16 -17.63
N LEU B 16 -19.54 9.10 -16.30
CA LEU B 16 -18.42 8.45 -15.63
C LEU B 16 -18.45 6.94 -15.81
N ALA B 17 -19.64 6.36 -15.85
CA ALA B 17 -19.74 4.91 -16.00
C ALA B 17 -19.36 4.46 -17.40
N ARG B 18 -19.53 5.32 -18.39
CA ARG B 18 -19.24 4.95 -19.76
C ARG B 18 -17.79 5.18 -20.14
N ARG B 19 -17.03 5.94 -19.37
CA ARG B 19 -15.59 5.90 -19.53
C ARG B 19 -15.03 4.59 -18.97
N GLY B 20 -15.77 3.95 -18.06
CA GLY B 20 -15.38 2.65 -17.56
C GLY B 20 -15.99 1.50 -18.32
N GLY B 21 -16.48 1.76 -19.54
CA GLY B 21 -16.93 0.69 -20.41
C GLY B 21 -18.24 0.04 -20.05
N VAL B 22 -19.13 0.73 -19.34
CA VAL B 22 -20.39 0.15 -18.89
C VAL B 22 -21.47 0.40 -19.95
N LYS B 23 -22.16 -0.66 -20.36
CA LYS B 23 -23.14 -0.55 -21.43
C LYS B 23 -24.55 -0.23 -20.93
N ARG B 24 -25.01 -0.90 -19.88
CA ARG B 24 -26.36 -0.69 -19.39
C ARG B 24 -26.34 -0.54 -17.88
N ILE B 25 -27.15 0.38 -17.37
CA ILE B 25 -27.05 0.89 -16.00
C ILE B 25 -28.42 0.77 -15.33
N SER B 26 -28.45 0.11 -14.17
CA SER B 26 -29.68 0.08 -13.39
C SER B 26 -29.92 1.41 -12.69
N GLY B 27 -31.19 1.71 -12.44
CA GLY B 27 -31.57 3.01 -11.90
C GLY B 27 -31.21 3.23 -10.45
N LEU B 28 -31.01 2.15 -9.71
CA LEU B 28 -30.57 2.24 -8.32
C LEU B 28 -29.06 2.40 -8.18
N ILE B 29 -28.34 2.57 -9.29
CA ILE B 29 -26.90 2.69 -9.18
C ILE B 29 -26.54 4.11 -8.74
N TYR B 30 -27.49 5.04 -8.90
CA TYR B 30 -27.21 6.46 -8.75
C TYR B 30 -27.16 6.86 -7.29
N GLU B 31 -28.03 6.30 -6.46
CA GLU B 31 -28.04 6.67 -5.06
C GLU B 31 -26.86 6.08 -4.31
N GLU B 32 -26.30 4.97 -4.78
CA GLU B 32 -25.11 4.46 -4.12
C GLU B 32 -23.87 5.24 -4.55
N THR B 33 -23.80 5.66 -5.81
CA THR B 33 -22.63 6.39 -6.29
C THR B 33 -22.54 7.77 -5.67
N ARG B 34 -23.67 8.37 -5.31
CA ARG B 34 -23.66 9.54 -4.42
C ARG B 34 -23.04 9.19 -3.07
N GLY B 35 -23.28 7.98 -2.57
CA GLY B 35 -22.76 7.63 -1.27
C GLY B 35 -21.37 7.06 -1.29
N VAL B 36 -21.00 6.38 -2.38
CA VAL B 36 -19.64 5.87 -2.52
C VAL B 36 -18.65 7.02 -2.67
N LEU B 37 -19.02 8.03 -3.46
CA LEU B 37 -18.14 9.17 -3.66
C LEU B 37 -18.06 10.05 -2.43
N LYS B 38 -19.16 10.20 -1.69
CA LYS B 38 -19.15 11.04 -0.50
C LYS B 38 -18.28 10.44 0.59
N VAL B 39 -18.23 9.10 0.69
CA VAL B 39 -17.32 8.46 1.64
C VAL B 39 -15.87 8.70 1.23
N PHE B 40 -15.59 8.68 -0.07
CA PHE B 40 -14.23 8.90 -0.55
C PHE B 40 -13.77 10.34 -0.34
N LEU B 41 -14.65 11.31 -0.54
CA LEU B 41 -14.27 12.70 -0.26
C LEU B 41 -14.16 12.98 1.23
N GLU B 42 -14.91 12.25 2.07
CA GLU B 42 -14.77 12.43 3.50
C GLU B 42 -13.52 11.79 4.07
N ASN B 43 -12.69 11.15 3.26
CA ASN B 43 -11.42 10.61 3.72
C ASN B 43 -10.23 11.36 3.18
N VAL B 44 -10.36 11.99 2.03
CA VAL B 44 -9.26 12.79 1.48
C VAL B 44 -9.27 14.19 2.06
N ILE B 45 -10.45 14.80 2.17
CA ILE B 45 -10.55 16.13 2.77
C ILE B 45 -10.26 16.06 4.27
N ARG B 46 -10.61 14.95 4.93
CA ARG B 46 -10.30 14.76 6.34
C ARG B 46 -8.79 14.76 6.59
N ASP B 47 -8.03 14.19 5.66
CA ASP B 47 -6.58 14.22 5.80
C ASP B 47 -5.99 15.51 5.28
N ALA B 48 -6.58 16.13 4.27
CA ALA B 48 -5.99 17.33 3.68
C ALA B 48 -6.11 18.52 4.61
N VAL B 49 -7.23 18.62 5.33
CA VAL B 49 -7.39 19.66 6.34
C VAL B 49 -6.43 19.44 7.50
N THR B 50 -6.14 18.19 7.82
CA THR B 50 -5.17 17.86 8.87
C THR B 50 -3.76 18.32 8.51
N TYR B 51 -3.39 18.28 7.23
CA TYR B 51 -2.11 18.85 6.84
C TYR B 51 -2.10 20.36 6.85
N THR B 52 -3.25 21.03 6.72
CA THR B 52 -3.24 22.49 6.71
C THR B 52 -3.05 23.04 8.10
N GLU B 53 -3.89 22.63 9.05
CA GLU B 53 -3.82 23.17 10.40
C GLU B 53 -2.60 22.70 11.17
N HIS B 54 -1.89 21.68 10.68
CA HIS B 54 -0.56 21.41 11.21
C HIS B 54 0.41 22.51 10.83
N ALA B 55 0.23 23.13 9.67
CA ALA B 55 1.09 24.21 9.23
C ALA B 55 0.55 25.57 9.59
N LYS B 56 -0.62 25.63 10.23
CA LYS B 56 -1.29 26.86 10.68
C LYS B 56 -1.55 27.81 9.51
N ARG B 57 -2.38 27.35 8.58
CA ARG B 57 -2.85 28.24 7.53
C ARG B 57 -4.27 27.87 7.17
N LYS B 58 -5.07 28.87 6.85
CA LYS B 58 -6.49 28.73 6.63
C LYS B 58 -6.85 28.29 5.22
N THR B 59 -5.87 28.04 4.37
CA THR B 59 -6.10 27.76 2.96
C THR B 59 -5.62 26.35 2.65
N VAL B 60 -6.53 25.50 2.19
CA VAL B 60 -6.18 24.14 1.80
C VAL B 60 -5.49 24.21 0.45
N THR B 61 -4.19 23.94 0.43
CA THR B 61 -3.40 24.07 -0.79
C THR B 61 -3.51 22.81 -1.62
N ALA B 62 -2.92 22.87 -2.83
CA ALA B 62 -2.94 21.70 -3.70
C ALA B 62 -1.98 20.64 -3.25
N MET B 63 -0.89 21.02 -2.59
CA MET B 63 0.06 20.04 -2.09
C MET B 63 -0.51 19.26 -0.92
N ASP B 64 -1.41 19.85 -0.15
CA ASP B 64 -2.10 19.13 0.91
C ASP B 64 -2.99 18.03 0.36
N VAL B 65 -3.55 18.24 -0.83
CA VAL B 65 -4.38 17.22 -1.44
C VAL B 65 -3.53 16.10 -1.99
N VAL B 66 -2.39 16.44 -2.59
CA VAL B 66 -1.48 15.45 -3.16
C VAL B 66 -0.88 14.58 -2.07
N TYR B 67 -0.59 15.18 -0.90
CA TYR B 67 -0.08 14.41 0.23
C TYR B 67 -1.16 13.53 0.82
N ALA B 68 -2.41 14.01 0.86
CA ALA B 68 -3.48 13.24 1.45
C ALA B 68 -3.90 12.08 0.59
N LEU B 69 -3.70 12.21 -0.73
CA LEU B 69 -3.96 11.09 -1.63
C LEU B 69 -2.83 10.08 -1.61
N LYS B 70 -1.61 10.53 -1.34
CA LYS B 70 -0.46 9.63 -1.36
C LYS B 70 -0.47 8.71 -0.15
N ARG B 71 -0.95 9.17 0.99
CA ARG B 71 -1.01 8.31 2.15
C ARG B 71 -2.22 7.39 2.14
N GLN B 72 -3.09 7.48 1.15
CA GLN B 72 -4.11 6.48 0.92
C GLN B 72 -3.76 5.51 -0.19
N GLY B 73 -2.55 5.61 -0.73
CA GLY B 73 -2.14 4.71 -1.79
C GLY B 73 -2.77 5.01 -3.11
N ARG B 74 -2.99 6.27 -3.43
CA ARG B 74 -3.53 6.67 -4.73
C ARG B 74 -2.82 7.93 -5.24
N THR B 75 -1.50 7.84 -5.32
CA THR B 75 -0.59 8.84 -5.85
C THR B 75 -1.10 9.51 -7.11
N LEU B 76 -1.05 10.84 -7.15
CA LEU B 76 -1.56 11.61 -8.27
C LEU B 76 -0.44 12.45 -8.83
N TYR B 77 -0.25 12.38 -10.14
CA TYR B 77 0.76 13.18 -10.83
C TYR B 77 0.10 14.37 -11.50
N GLY B 78 0.76 15.52 -11.44
CA GLY B 78 0.31 16.69 -12.16
C GLY B 78 0.11 17.93 -11.32
N PHE B 79 0.34 17.89 -10.02
CA PHE B 79 0.08 19.05 -9.17
C PHE B 79 1.22 19.39 -8.23
N GLY B 80 2.34 18.68 -8.29
CA GLY B 80 3.44 18.94 -7.40
C GLY B 80 3.72 17.78 -6.47
N ALA C 1 26.06 12.52 44.87
CA ALA C 1 25.75 13.65 45.74
C ALA C 1 24.92 14.69 45.00
N ARG C 2 24.35 14.29 43.87
CA ARG C 2 23.52 15.19 43.08
C ARG C 2 22.06 15.06 43.47
N ALA C 3 21.50 13.89 43.16
CA ALA C 3 20.08 13.56 43.26
C ALA C 3 19.92 12.10 42.84
N LYS C 4 18.87 11.44 43.30
CA LYS C 4 18.62 10.10 42.80
C LYS C 4 18.01 10.17 41.41
N ALA C 5 18.48 9.31 40.52
CA ALA C 5 18.09 9.37 39.12
C ALA C 5 16.65 8.89 38.94
N LYS C 6 15.80 9.78 38.44
CA LYS C 6 14.41 9.46 38.12
C LYS C 6 14.30 9.22 36.62
N THR C 7 13.61 8.15 36.24
CA THR C 7 13.39 7.88 34.83
C THR C 7 12.39 8.87 34.26
N ARG C 8 12.53 9.15 32.96
CA ARG C 8 11.59 10.06 32.31
C ARG C 8 10.23 9.42 32.10
N SER C 9 10.14 8.10 32.17
CA SER C 9 8.83 7.45 32.12
C SER C 9 8.06 7.60 33.41
N SER C 10 8.75 7.88 34.52
CA SER C 10 8.09 8.13 35.80
C SER C 10 7.77 9.60 36.02
N ARG C 11 8.38 10.51 35.26
CA ARG C 11 7.97 11.90 35.29
C ARG C 11 6.61 12.09 34.64
N ALA C 12 6.28 11.25 33.65
CA ALA C 12 5.00 11.33 32.96
C ALA C 12 4.01 10.28 33.44
N GLY C 13 4.43 9.35 34.28
CA GLY C 13 3.55 8.31 34.75
C GLY C 13 3.25 7.28 33.68
N LEU C 14 4.29 6.74 33.07
CA LEU C 14 4.12 5.78 31.99
C LEU C 14 4.85 4.50 32.34
N GLN C 15 4.51 3.45 31.60
CA GLN C 15 5.20 2.18 31.73
C GLN C 15 6.15 1.90 30.57
N PHE C 16 5.78 2.29 29.36
CA PHE C 16 6.68 2.24 28.22
C PHE C 16 7.83 3.23 28.41
N PRO C 17 9.04 2.92 27.94
CA PRO C 17 10.20 3.74 28.27
C PRO C 17 10.25 5.00 27.43
N VAL C 18 10.59 6.12 28.06
CA VAL C 18 10.75 7.35 27.30
C VAL C 18 12.18 7.47 26.79
N GLY C 19 13.15 7.04 27.59
CA GLY C 19 14.54 7.14 27.19
C GLY C 19 14.92 6.23 26.04
N ARG C 20 14.30 5.06 25.94
CA ARG C 20 14.57 4.18 24.82
C ARG C 20 13.93 4.71 23.54
N VAL C 21 12.69 5.19 23.63
CA VAL C 21 11.99 5.75 22.48
C VAL C 21 12.68 7.02 21.99
N HIS C 22 13.29 7.79 22.90
CA HIS C 22 14.04 8.98 22.49
C HIS C 22 15.29 8.60 21.70
N ARG C 23 15.95 7.52 22.09
CA ARG C 23 17.11 7.06 21.34
C ARG C 23 16.72 6.51 19.97
N LEU C 24 15.62 5.77 19.91
CA LEU C 24 15.20 5.17 18.65
C LEU C 24 14.70 6.21 17.67
N LEU C 25 14.20 7.35 18.16
CA LEU C 25 13.86 8.45 17.26
C LEU C 25 15.11 9.14 16.75
N ARG C 26 16.09 9.34 17.61
CA ARG C 26 17.28 10.11 17.27
C ARG C 26 18.30 9.29 16.48
N LYS C 27 18.23 7.96 16.56
CA LYS C 27 19.10 7.09 15.79
C LYS C 27 18.37 6.36 14.67
N GLY C 28 17.11 6.69 14.43
CA GLY C 28 16.34 6.03 13.40
C GLY C 28 16.25 6.76 12.09
N ASN C 29 16.98 7.87 11.92
CA ASN C 29 17.03 8.70 10.72
C ASN C 29 15.65 9.24 10.34
N TYR C 30 15.06 9.97 11.27
CA TYR C 30 13.77 10.60 11.03
C TYR C 30 13.86 12.10 10.87
N SER C 31 14.71 12.76 11.65
CA SER C 31 14.92 14.19 11.52
C SER C 31 16.30 14.53 12.04
N GLU C 32 16.69 15.80 11.84
CA GLU C 32 17.98 16.29 12.31
C GLU C 32 18.02 16.37 13.83
N ARG C 33 16.88 16.65 14.46
CA ARG C 33 16.83 16.79 15.90
C ARG C 33 15.43 16.46 16.39
N VAL C 34 15.33 16.07 17.66
CA VAL C 34 14.12 15.51 18.24
C VAL C 34 13.75 16.34 19.46
N GLY C 35 12.50 16.79 19.52
CA GLY C 35 12.04 17.56 20.66
C GLY C 35 11.98 16.75 21.94
N ALA C 36 11.92 17.47 23.06
CA ALA C 36 11.97 16.80 24.36
C ALA C 36 10.64 16.19 24.75
N GLY C 37 9.54 16.74 24.26
CA GLY C 37 8.24 16.16 24.53
C GLY C 37 7.82 15.09 23.56
N ALA C 38 8.58 14.89 22.50
CA ALA C 38 8.27 13.94 21.45
C ALA C 38 8.37 12.48 21.88
N PRO C 39 9.38 12.01 22.63
CA PRO C 39 9.28 10.62 23.11
C PRO C 39 8.28 10.45 24.24
N VAL C 40 7.97 11.52 24.97
CA VAL C 40 6.94 11.42 26.01
C VAL C 40 5.57 11.26 25.38
N TYR C 41 5.34 11.94 24.25
CA TYR C 41 4.05 11.80 23.57
C TYR C 41 3.94 10.43 22.91
N LEU C 42 5.02 9.94 22.33
CA LEU C 42 4.96 8.71 21.56
C LEU C 42 4.91 7.47 22.45
N ALA C 43 5.57 7.49 23.60
CA ALA C 43 5.50 6.34 24.49
C ALA C 43 4.16 6.23 25.19
N ALA C 44 3.37 7.30 25.22
CA ALA C 44 2.03 7.21 25.78
C ALA C 44 1.02 6.69 24.76
N VAL C 45 1.25 6.99 23.47
CA VAL C 45 0.38 6.47 22.42
C VAL C 45 0.62 4.98 22.23
N LEU C 46 1.87 4.55 22.34
CA LEU C 46 2.18 3.13 22.24
C LEU C 46 1.66 2.36 23.44
N GLU C 47 1.63 2.98 24.61
CA GLU C 47 1.12 2.31 25.79
C GLU C 47 -0.40 2.18 25.74
N TYR C 48 -1.09 3.14 25.15
CA TYR C 48 -2.54 3.04 25.05
C TYR C 48 -2.96 1.94 24.09
N LEU C 49 -2.23 1.77 22.98
CA LEU C 49 -2.64 0.79 21.99
C LEU C 49 -2.36 -0.63 22.45
N THR C 50 -1.33 -0.85 23.24
CA THR C 50 -1.14 -2.18 23.82
C THR C 50 -2.10 -2.44 24.95
N ALA C 51 -2.47 -1.41 25.71
CA ALA C 51 -3.49 -1.58 26.74
C ALA C 51 -4.86 -1.83 26.14
N GLU C 52 -5.09 -1.34 24.93
CA GLU C 52 -6.36 -1.58 24.25
C GLU C 52 -6.45 -3.01 23.73
N ILE C 53 -5.34 -3.58 23.28
CA ILE C 53 -5.37 -4.94 22.74
C ILE C 53 -5.37 -5.97 23.86
N LEU C 54 -4.50 -5.78 24.85
CA LEU C 54 -4.42 -6.73 25.96
C LEU C 54 -5.67 -6.72 26.83
N GLU C 55 -6.47 -5.65 26.78
CA GLU C 55 -7.77 -5.70 27.43
C GLU C 55 -8.73 -6.59 26.65
N LEU C 56 -8.69 -6.49 25.32
CA LEU C 56 -9.58 -7.30 24.50
C LEU C 56 -9.07 -8.73 24.36
N ALA C 57 -7.74 -8.92 24.34
CA ALA C 57 -7.19 -10.26 24.27
C ALA C 57 -7.32 -10.98 25.61
N GLY C 58 -7.29 -10.25 26.72
CA GLY C 58 -7.54 -10.87 28.00
C GLY C 58 -8.98 -11.28 28.19
N ASN C 59 -9.91 -10.59 27.52
CA ASN C 59 -11.31 -11.00 27.58
C ASN C 59 -11.55 -12.25 26.76
N ALA C 60 -10.87 -12.38 25.62
CA ALA C 60 -11.05 -13.57 24.80
C ALA C 60 -10.41 -14.80 25.42
N ALA C 61 -9.43 -14.61 26.31
CA ALA C 61 -8.82 -15.74 26.99
C ALA C 61 -9.69 -16.27 28.12
N ARG C 62 -10.43 -15.40 28.81
CA ARG C 62 -11.29 -15.89 29.88
C ARG C 62 -12.60 -16.44 29.32
N ASP C 63 -12.96 -16.05 28.10
CA ASP C 63 -14.10 -16.66 27.43
C ASP C 63 -13.78 -18.06 26.91
N ASN C 64 -12.50 -18.39 26.78
CA ASN C 64 -12.05 -19.74 26.46
C ASN C 64 -11.47 -20.42 27.69
N LYS C 65 -11.68 -19.81 28.86
CA LYS C 65 -11.40 -20.39 30.18
C LYS C 65 -9.92 -20.68 30.38
N LYS C 66 -9.07 -19.81 29.85
CA LYS C 66 -7.63 -19.93 29.99
C LYS C 66 -7.07 -18.68 30.64
N THR C 67 -5.87 -18.81 31.22
CA THR C 67 -5.24 -17.70 31.92
C THR C 67 -4.00 -17.18 31.22
N ARG C 68 -3.61 -17.79 30.11
CA ARG C 68 -2.50 -17.31 29.30
C ARG C 68 -3.03 -16.88 27.94
N ILE C 69 -2.59 -15.72 27.48
CA ILE C 69 -2.95 -15.22 26.16
C ILE C 69 -2.06 -15.89 25.12
N ILE C 70 -2.67 -16.66 24.23
CA ILE C 70 -1.96 -17.30 23.13
C ILE C 70 -2.24 -16.44 21.90
N PRO C 71 -1.54 -16.60 20.76
CA PRO C 71 -1.87 -15.77 19.59
C PRO C 71 -3.25 -16.00 18.97
N ARG C 72 -4.03 -16.99 19.39
CA ARG C 72 -5.42 -17.06 18.95
C ARG C 72 -6.23 -15.92 19.55
N HIS C 73 -5.98 -15.60 20.81
CA HIS C 73 -6.76 -14.58 21.48
C HIS C 73 -6.42 -13.18 20.97
N LEU C 74 -5.21 -13.00 20.46
CA LEU C 74 -4.86 -11.74 19.82
C LEU C 74 -5.54 -11.59 18.47
N GLN C 75 -5.73 -12.70 17.75
CA GLN C 75 -6.45 -12.65 16.49
C GLN C 75 -7.93 -12.34 16.71
N LEU C 76 -8.53 -12.96 17.72
CA LEU C 76 -9.94 -12.73 18.01
C LEU C 76 -10.18 -11.33 18.57
N ALA C 77 -9.21 -10.76 19.26
CA ALA C 77 -9.36 -9.43 19.82
C ALA C 77 -9.36 -8.38 18.73
N ILE C 78 -8.49 -8.54 17.73
CA ILE C 78 -8.29 -7.52 16.73
C ILE C 78 -9.37 -7.57 15.66
N ARG C 79 -9.73 -8.76 15.20
CA ARG C 79 -10.69 -8.87 14.12
C ARG C 79 -12.13 -8.70 14.55
N ASN C 80 -12.41 -8.69 15.85
CA ASN C 80 -13.76 -8.38 16.33
C ASN C 80 -13.96 -6.91 16.64
N ASP C 81 -12.94 -6.22 17.12
CA ASP C 81 -13.05 -4.78 17.30
C ASP C 81 -12.94 -4.08 15.96
N GLU C 82 -13.78 -3.08 15.74
CA GLU C 82 -13.88 -2.51 14.40
C GLU C 82 -12.76 -1.50 14.14
N GLU C 83 -12.20 -0.91 15.19
CA GLU C 83 -11.15 0.08 14.99
C GLU C 83 -9.77 -0.54 14.91
N LEU C 84 -9.52 -1.60 15.66
CA LEU C 84 -8.26 -2.33 15.54
C LEU C 84 -8.20 -3.16 14.27
N ASN C 85 -9.36 -3.56 13.72
CA ASN C 85 -9.36 -4.29 12.47
C ASN C 85 -8.95 -3.40 11.31
N LYS C 86 -9.24 -2.11 11.37
CA LYS C 86 -8.85 -1.23 10.28
C LYS C 86 -7.43 -0.73 10.43
N LEU C 87 -6.94 -0.60 11.66
CA LEU C 87 -5.54 -0.31 11.89
C LEU C 87 -4.65 -1.47 11.46
N LEU C 88 -5.15 -2.70 11.58
CA LEU C 88 -4.34 -3.88 11.32
C LEU C 88 -4.98 -4.74 10.25
N GLY C 89 -5.46 -4.11 9.17
CA GLY C 89 -6.16 -4.84 8.14
C GLY C 89 -5.29 -5.53 7.12
N ARG C 90 -4.03 -5.14 7.04
CA ARG C 90 -3.07 -5.73 6.12
C ARG C 90 -2.01 -6.55 6.85
N VAL C 91 -2.34 -7.03 8.05
CA VAL C 91 -1.37 -7.64 8.95
C VAL C 91 -1.77 -9.08 9.21
N THR C 92 -0.85 -10.00 8.97
CA THR C 92 -1.04 -11.41 9.29
C THR C 92 -0.48 -11.69 10.68
N ILE C 93 -1.27 -12.35 11.52
CA ILE C 93 -0.82 -12.79 12.83
C ILE C 93 -0.58 -14.29 12.76
N ALA C 94 0.64 -14.71 13.08
CA ALA C 94 1.02 -16.11 12.97
C ALA C 94 0.36 -16.94 14.06
N GLN C 95 -0.10 -18.13 13.68
CA GLN C 95 -0.89 -19.05 14.52
C GLN C 95 -2.13 -18.36 15.08
N GLY C 96 -2.80 -17.60 14.23
CA GLY C 96 -3.97 -16.86 14.66
C GLY C 96 -5.26 -17.43 14.12
N GLY C 97 -5.18 -18.09 12.98
CA GLY C 97 -6.38 -18.63 12.38
C GLY C 97 -7.26 -17.53 11.81
N VAL C 98 -8.54 -17.88 11.65
CA VAL C 98 -9.53 -16.93 11.14
C VAL C 98 -10.66 -16.84 12.14
N LEU C 99 -11.66 -16.02 11.82
CA LEU C 99 -12.91 -15.95 12.58
C LEU C 99 -13.97 -16.81 11.93
N PRO C 100 -14.73 -17.55 12.73
CA PRO C 100 -15.75 -18.43 12.16
C PRO C 100 -16.94 -17.70 11.59
N ASN C 101 -17.06 -17.67 10.27
CA ASN C 101 -18.28 -17.23 9.61
C ASN C 101 -18.56 -18.08 8.38
N ILE C 102 -19.73 -18.70 8.37
CA ILE C 102 -20.25 -19.42 7.22
C ILE C 102 -21.25 -18.49 6.54
N GLN C 103 -21.15 -18.38 5.22
CA GLN C 103 -22.11 -17.59 4.47
C GLN C 103 -23.47 -18.27 4.54
N ALA C 104 -24.53 -17.45 4.68
CA ALA C 104 -25.85 -17.97 5.00
C ALA C 104 -26.51 -18.71 3.85
N VAL C 105 -25.99 -18.56 2.63
CA VAL C 105 -26.47 -19.37 1.52
C VAL C 105 -26.06 -20.82 1.69
N LEU C 106 -24.92 -21.05 2.34
CA LEU C 106 -24.39 -22.39 2.46
C LEU C 106 -25.05 -23.19 3.58
N LEU C 107 -25.72 -22.53 4.51
CA LEU C 107 -26.41 -23.25 5.57
C LEU C 107 -27.68 -23.89 5.01
N PRO C 108 -28.00 -25.11 5.42
CA PRO C 108 -29.12 -25.81 4.79
C PRO C 108 -30.46 -25.48 5.45
N LYS C 109 -31.46 -25.31 4.61
CA LYS C 109 -32.83 -25.07 5.07
C LYS C 109 -33.80 -25.51 3.99
N PRO D 2 -26.54 -49.34 4.97
CA PRO D 2 -25.60 -48.68 5.87
C PRO D 2 -25.91 -47.20 6.08
N HIS D 3 -25.16 -46.56 6.97
CA HIS D 3 -25.42 -45.15 7.28
C HIS D 3 -24.70 -44.24 6.29
N ARG D 4 -25.29 -43.08 6.04
CA ARG D 4 -24.80 -42.21 4.98
C ARG D 4 -25.25 -40.78 5.23
N TYR D 5 -24.29 -39.86 5.24
CA TYR D 5 -24.54 -38.44 5.29
C TYR D 5 -24.86 -37.91 3.90
N ARG D 6 -25.87 -37.05 3.80
CA ARG D 6 -26.20 -36.49 2.51
C ARG D 6 -25.20 -35.39 2.17
N PRO D 7 -24.86 -35.21 0.86
CA PRO D 7 -23.72 -34.35 0.50
C PRO D 7 -23.91 -32.87 0.81
N GLY D 8 -23.10 -32.37 1.74
CA GLY D 8 -23.20 -31.00 2.17
C GLY D 8 -23.14 -30.87 3.68
N THR D 9 -23.13 -31.99 4.38
CA THR D 9 -23.11 -32.00 5.83
C THR D 9 -21.74 -32.30 6.42
N VAL D 10 -20.92 -33.10 5.74
CA VAL D 10 -19.54 -33.24 6.17
C VAL D 10 -18.77 -31.98 5.79
N ALA D 11 -19.14 -31.36 4.66
CA ALA D 11 -18.45 -30.16 4.20
C ALA D 11 -18.68 -28.98 5.14
N LEU D 12 -19.84 -28.90 5.77
CA LEU D 12 -20.09 -27.82 6.72
C LEU D 12 -19.43 -28.05 8.07
N ARG D 13 -19.29 -29.30 8.51
CA ARG D 13 -18.62 -29.49 9.78
C ARG D 13 -17.12 -29.38 9.63
N GLU D 14 -16.60 -29.48 8.40
CA GLU D 14 -15.20 -29.19 8.16
C GLU D 14 -14.95 -27.69 8.10
N ILE D 15 -15.92 -26.91 7.59
CA ILE D 15 -15.81 -25.47 7.68
C ILE D 15 -15.83 -25.02 9.13
N ARG D 16 -16.66 -25.67 9.95
CA ARG D 16 -16.67 -25.36 11.37
C ARG D 16 -15.43 -25.87 12.06
N ARG D 17 -14.80 -26.92 11.54
CA ARG D 17 -13.63 -27.51 12.18
C ARG D 17 -12.38 -26.67 11.96
N TYR D 18 -12.09 -26.32 10.72
CA TYR D 18 -10.83 -25.65 10.41
C TYR D 18 -10.88 -24.15 10.66
N GLN D 19 -12.05 -23.58 10.89
CA GLN D 19 -12.15 -22.20 11.36
C GLN D 19 -12.05 -22.08 12.86
N LYS D 20 -11.94 -23.20 13.57
CA LYS D 20 -11.73 -23.21 15.00
C LYS D 20 -10.27 -23.42 15.38
N SER D 21 -9.48 -24.02 14.49
CA SER D 21 -8.10 -24.36 14.77
C SER D 21 -7.15 -23.29 14.22
N THR D 22 -5.87 -23.48 14.53
CA THR D 22 -4.79 -22.59 14.11
C THR D 22 -3.67 -23.30 13.40
N GLU D 23 -3.81 -24.59 13.14
CA GLU D 23 -2.76 -25.44 12.58
C GLU D 23 -2.41 -25.03 11.15
N LEU D 24 -1.24 -25.50 10.70
CA LEU D 24 -0.87 -25.35 9.30
C LEU D 24 -1.43 -26.50 8.49
N LEU D 25 -2.15 -26.19 7.42
CA LEU D 25 -2.94 -27.17 6.71
C LEU D 25 -2.20 -27.85 5.57
N ILE D 26 -1.12 -27.26 5.10
CA ILE D 26 -0.22 -27.91 4.18
C ILE D 26 0.78 -28.69 5.01
N ARG D 27 1.15 -29.88 4.54
CA ARG D 27 2.15 -30.69 5.23
C ARG D 27 3.50 -29.98 5.19
N LYS D 28 4.33 -30.27 6.19
CA LYS D 28 5.54 -29.49 6.40
C LYS D 28 6.61 -29.82 5.36
N LEU D 29 6.92 -31.09 5.18
CA LEU D 29 7.99 -31.54 4.29
C LEU D 29 7.74 -31.34 2.79
N PRO D 30 6.55 -31.58 2.21
CA PRO D 30 6.39 -31.21 0.80
C PRO D 30 6.28 -29.72 0.55
N PHE D 31 6.12 -28.90 1.59
CA PHE D 31 6.24 -27.47 1.41
C PHE D 31 7.67 -26.99 1.50
N GLN D 32 8.52 -27.66 2.28
CA GLN D 32 9.93 -27.31 2.28
C GLN D 32 10.60 -27.66 0.97
N ARG D 33 10.18 -28.76 0.34
CA ARG D 33 10.78 -29.13 -0.93
C ARG D 33 10.33 -28.22 -2.07
N LEU D 34 9.19 -27.56 -1.93
CA LEU D 34 8.77 -26.60 -2.94
C LEU D 34 9.55 -25.30 -2.82
N VAL D 35 9.74 -24.82 -1.60
CA VAL D 35 10.51 -23.61 -1.33
C VAL D 35 11.95 -23.79 -1.79
N ARG D 36 12.52 -24.97 -1.57
CA ARG D 36 13.90 -25.20 -1.94
C ARG D 36 14.11 -25.36 -3.44
N GLU D 37 13.05 -25.51 -4.25
CA GLU D 37 13.25 -25.48 -5.69
C GLU D 37 12.70 -24.21 -6.35
N ILE D 38 11.82 -23.46 -5.69
CA ILE D 38 11.52 -22.13 -6.19
C ILE D 38 12.73 -21.22 -5.94
N ALA D 39 13.48 -21.48 -4.89
CA ALA D 39 14.66 -20.67 -4.61
C ALA D 39 15.92 -21.18 -5.29
N GLN D 40 15.86 -22.25 -6.08
CA GLN D 40 17.09 -22.74 -6.70
C GLN D 40 17.35 -22.15 -8.07
N ASP D 41 16.43 -21.37 -8.61
CA ASP D 41 16.71 -20.67 -9.86
C ASP D 41 17.08 -19.21 -9.64
N PHE D 42 17.23 -18.79 -8.39
CA PHE D 42 17.78 -17.48 -8.07
C PHE D 42 19.20 -17.55 -7.54
N LYS D 43 19.47 -18.46 -6.60
CA LYS D 43 20.82 -18.89 -6.29
C LYS D 43 20.83 -20.40 -6.12
N THR D 44 21.91 -21.02 -6.55
CA THR D 44 22.09 -22.41 -6.16
C THR D 44 22.62 -22.47 -4.74
N ASP D 45 22.55 -23.68 -4.16
CA ASP D 45 22.87 -24.11 -2.79
C ASP D 45 22.59 -23.09 -1.70
N LEU D 46 21.40 -22.50 -1.72
CA LEU D 46 20.93 -21.67 -0.62
C LEU D 46 20.57 -22.52 0.58
N ARG D 47 20.67 -21.90 1.75
CA ARG D 47 20.24 -22.49 3.00
C ARG D 47 19.10 -21.66 3.58
N PHE D 48 18.35 -22.29 4.46
CA PHE D 48 17.14 -21.70 5.04
C PHE D 48 17.15 -21.91 6.53
N GLN D 49 16.71 -20.91 7.28
CA GLN D 49 16.43 -21.18 8.68
C GLN D 49 15.11 -21.93 8.79
N SER D 50 14.93 -22.63 9.91
CA SER D 50 13.68 -23.34 10.11
C SER D 50 12.54 -22.38 10.39
N SER D 51 12.85 -21.21 10.94
CA SER D 51 11.86 -20.16 11.10
C SER D 51 11.70 -19.30 9.87
N ALA D 52 12.49 -19.53 8.82
CA ALA D 52 12.28 -18.81 7.57
C ALA D 52 11.35 -19.57 6.63
N VAL D 53 11.28 -20.89 6.77
CA VAL D 53 10.32 -21.66 5.99
C VAL D 53 8.95 -21.62 6.65
N MET D 54 8.92 -21.67 7.97
CA MET D 54 7.66 -21.53 8.68
C MET D 54 7.12 -20.10 8.58
N ALA D 55 7.97 -19.13 8.29
CA ALA D 55 7.46 -17.79 7.99
C ALA D 55 6.81 -17.74 6.62
N LEU D 56 7.34 -18.50 5.65
CA LEU D 56 6.72 -18.57 4.34
C LEU D 56 5.39 -19.33 4.37
N GLN D 57 5.25 -20.29 5.28
CA GLN D 57 4.04 -21.09 5.27
C GLN D 57 2.91 -20.40 6.03
N GLU D 58 3.23 -19.59 7.02
CA GLU D 58 2.20 -18.77 7.66
C GLU D 58 1.68 -17.68 6.75
N ALA D 59 2.46 -17.29 5.74
CA ALA D 59 2.07 -16.26 4.80
C ALA D 59 1.35 -16.83 3.58
N CYS D 60 1.75 -18.00 3.12
CA CYS D 60 1.07 -18.61 1.99
C CYS D 60 -0.29 -19.14 2.36
N GLU D 61 -0.45 -19.62 3.59
CA GLU D 61 -1.77 -20.07 4.00
C GLU D 61 -2.66 -18.91 4.37
N ALA D 62 -2.09 -17.79 4.81
CA ALA D 62 -2.90 -16.61 5.02
C ALA D 62 -3.30 -15.96 3.69
N TYR D 63 -2.48 -16.14 2.66
CA TYR D 63 -2.83 -15.61 1.35
C TYR D 63 -3.95 -16.43 0.70
N LEU D 64 -3.89 -17.75 0.83
CA LEU D 64 -4.85 -18.59 0.14
C LEU D 64 -6.20 -18.61 0.83
N VAL D 65 -6.21 -18.62 2.17
CA VAL D 65 -7.46 -18.52 2.91
C VAL D 65 -8.12 -17.17 2.67
N GLY D 66 -7.32 -16.11 2.53
CA GLY D 66 -7.89 -14.83 2.14
C GLY D 66 -8.35 -14.78 0.71
N LEU D 67 -7.74 -15.60 -0.16
CA LEU D 67 -8.22 -15.70 -1.54
C LEU D 67 -9.49 -16.52 -1.63
N PHE D 68 -9.61 -17.58 -0.84
CA PHE D 68 -10.83 -18.38 -0.94
C PHE D 68 -12.03 -17.73 -0.29
N GLU D 69 -11.83 -16.74 0.58
CA GLU D 69 -12.96 -15.95 1.03
C GLU D 69 -13.44 -15.03 -0.08
N ASP D 70 -12.51 -14.45 -0.84
CA ASP D 70 -12.87 -13.60 -1.96
C ASP D 70 -13.44 -14.40 -3.11
N THR D 71 -12.93 -15.62 -3.33
CA THR D 71 -13.45 -16.41 -4.43
C THR D 71 -14.79 -17.05 -4.08
N ASN D 72 -15.16 -17.07 -2.80
CA ASN D 72 -16.46 -17.59 -2.41
C ASN D 72 -17.56 -16.57 -2.61
N LEU D 73 -17.22 -15.30 -2.50
CA LEU D 73 -18.20 -14.25 -2.73
C LEU D 73 -18.43 -14.01 -4.21
N CYS D 74 -17.56 -14.51 -5.07
CA CYS D 74 -17.79 -14.44 -6.50
C CYS D 74 -18.72 -15.56 -6.96
N ALA D 75 -18.72 -16.69 -6.26
CA ALA D 75 -19.60 -17.78 -6.66
C ALA D 75 -21.01 -17.58 -6.12
N ILE D 76 -21.13 -17.00 -4.93
CA ILE D 76 -22.44 -16.64 -4.41
C ILE D 76 -23.05 -15.52 -5.24
N HIS D 77 -22.22 -14.63 -5.78
CA HIS D 77 -22.70 -13.53 -6.60
C HIS D 77 -23.27 -14.01 -7.93
N ALA D 78 -22.74 -15.10 -8.47
CA ALA D 78 -23.24 -15.65 -9.72
C ALA D 78 -24.30 -16.73 -9.50
N LYS D 79 -24.94 -16.73 -8.33
CA LYS D 79 -26.01 -17.63 -7.92
C LYS D 79 -25.57 -19.09 -7.84
N ARG D 80 -24.28 -19.34 -7.68
CA ARG D 80 -23.75 -20.68 -7.47
C ARG D 80 -23.36 -20.85 -6.00
N VAL D 81 -22.92 -22.06 -5.66
CA VAL D 81 -22.30 -22.34 -4.37
C VAL D 81 -21.00 -23.06 -4.61
N THR D 82 -20.81 -23.53 -5.84
CA THR D 82 -19.60 -24.22 -6.24
C THR D 82 -18.57 -23.20 -6.68
N ILE D 83 -17.37 -23.31 -6.18
CA ILE D 83 -16.27 -22.52 -6.68
C ILE D 83 -15.85 -23.11 -8.02
N MET D 84 -15.39 -22.27 -8.93
CA MET D 84 -14.78 -22.72 -10.17
C MET D 84 -13.82 -21.62 -10.59
N PRO D 85 -12.76 -21.91 -11.36
CA PRO D 85 -11.69 -20.92 -11.57
C PRO D 85 -12.08 -19.67 -12.33
N LYS D 86 -13.33 -19.52 -12.78
CA LYS D 86 -13.84 -18.19 -13.09
C LYS D 86 -13.77 -17.29 -11.87
N ASP D 87 -14.11 -17.83 -10.70
CA ASP D 87 -14.22 -17.05 -9.49
C ASP D 87 -12.87 -16.64 -8.94
N ILE D 88 -11.86 -17.49 -9.09
CA ILE D 88 -10.51 -17.13 -8.66
C ILE D 88 -9.95 -16.03 -9.54
N GLN D 89 -10.07 -16.20 -10.86
CA GLN D 89 -9.58 -15.23 -11.83
C GLN D 89 -10.30 -13.89 -11.76
N LEU D 90 -11.53 -13.86 -11.25
CA LEU D 90 -12.17 -12.58 -11.00
C LEU D 90 -11.61 -11.90 -9.76
N ALA D 91 -11.41 -12.65 -8.68
CA ALA D 91 -10.92 -12.06 -7.44
C ALA D 91 -9.45 -11.65 -7.56
N ARG D 92 -8.69 -12.33 -8.42
CA ARG D 92 -7.33 -11.90 -8.68
C ARG D 92 -7.29 -10.58 -9.42
N ARG D 93 -8.26 -10.34 -10.30
CA ARG D 93 -8.26 -9.13 -11.12
C ARG D 93 -8.69 -7.92 -10.32
N ILE D 94 -9.68 -8.08 -9.44
CA ILE D 94 -10.24 -6.93 -8.75
C ILE D 94 -9.27 -6.42 -7.69
N ARG D 95 -8.49 -7.30 -7.09
CA ARG D 95 -7.49 -6.85 -6.13
C ARG D 95 -6.21 -6.35 -6.81
N GLY D 96 -6.15 -6.33 -8.14
CA GLY D 96 -5.02 -5.76 -8.81
C GLY D 96 -3.82 -6.67 -8.89
N GLU D 97 -4.04 -7.98 -8.92
CA GLU D 97 -2.95 -8.94 -8.94
C GLU D 97 -2.71 -9.52 -10.33
N ARG D 98 -3.56 -9.23 -11.30
CA ARG D 98 -3.46 -9.88 -12.59
C ARG D 98 -4.03 -9.00 -13.69
N ARG E 2 11.83 -30.95 -10.03
CA ARG E 2 10.41 -30.63 -10.14
C ARG E 2 9.59 -31.65 -9.37
N ASP E 3 8.30 -31.73 -9.72
CA ASP E 3 7.23 -32.58 -9.15
C ASP E 3 6.92 -32.18 -7.70
N ASN E 4 7.45 -31.06 -7.22
CA ASN E 4 7.22 -30.64 -5.84
C ASN E 4 5.99 -29.77 -5.69
N ILE E 5 5.46 -29.20 -6.77
CA ILE E 5 4.19 -28.48 -6.66
C ILE E 5 3.04 -29.45 -6.49
N GLN E 6 3.21 -30.71 -6.87
CA GLN E 6 2.19 -31.73 -6.67
C GLN E 6 2.09 -32.19 -5.22
N GLY E 7 3.07 -31.83 -4.38
CA GLY E 7 3.00 -32.19 -2.98
C GLY E 7 1.98 -31.38 -2.20
N ILE E 8 1.55 -30.25 -2.73
CA ILE E 8 0.41 -29.53 -2.19
C ILE E 8 -0.82 -30.20 -2.78
N THR E 9 -1.38 -31.13 -2.02
CA THR E 9 -2.25 -32.16 -2.54
C THR E 9 -3.67 -31.66 -2.70
N LYS E 10 -4.49 -32.51 -3.31
CA LYS E 10 -5.92 -32.24 -3.37
C LYS E 10 -6.60 -32.11 -2.01
N PRO E 11 -6.36 -32.96 -0.99
CA PRO E 11 -6.97 -32.66 0.32
C PRO E 11 -6.33 -31.51 1.06
N ALA E 12 -5.12 -31.08 0.72
CA ALA E 12 -4.52 -29.93 1.38
C ALA E 12 -5.10 -28.63 0.88
N ILE E 13 -5.36 -28.54 -0.42
CA ILE E 13 -6.04 -27.38 -0.97
C ILE E 13 -7.48 -27.36 -0.52
N ARG E 14 -8.10 -28.54 -0.42
CA ARG E 14 -9.51 -28.63 -0.07
C ARG E 14 -9.74 -28.22 1.38
N ARG E 15 -8.79 -28.45 2.27
CA ARG E 15 -8.97 -28.02 3.64
C ARG E 15 -8.49 -26.59 3.89
N LEU E 16 -7.67 -26.02 2.99
CA LEU E 16 -7.50 -24.58 3.00
C LEU E 16 -8.75 -23.88 2.53
N ALA E 17 -9.48 -24.48 1.58
CA ALA E 17 -10.74 -23.92 1.15
C ALA E 17 -11.79 -24.01 2.24
N ARG E 18 -11.70 -25.00 3.13
CA ARG E 18 -12.66 -25.11 4.21
C ARG E 18 -12.47 -24.01 5.25
N ARG E 19 -11.23 -23.58 5.49
CA ARG E 19 -11.03 -22.48 6.41
C ARG E 19 -11.55 -21.17 5.82
N GLY E 20 -11.50 -21.03 4.50
CA GLY E 20 -12.10 -19.86 3.86
C GLY E 20 -13.60 -19.89 3.74
N GLY E 21 -14.24 -21.01 4.03
CA GLY E 21 -15.67 -21.12 3.99
C GLY E 21 -16.27 -21.78 2.77
N VAL E 22 -15.48 -22.53 2.01
CA VAL E 22 -15.93 -23.07 0.73
C VAL E 22 -16.69 -24.36 0.93
N LYS E 23 -17.88 -24.46 0.32
CA LYS E 23 -18.80 -25.57 0.45
C LYS E 23 -18.52 -26.70 -0.53
N ARG E 24 -18.32 -26.39 -1.81
CA ARG E 24 -17.96 -27.42 -2.77
C ARG E 24 -17.09 -26.85 -3.87
N ILE E 25 -16.15 -27.68 -4.32
CA ILE E 25 -15.02 -27.29 -5.15
C ILE E 25 -15.13 -28.02 -6.47
N SER E 26 -15.06 -27.28 -7.58
CA SER E 26 -14.97 -27.93 -8.87
C SER E 26 -13.58 -28.47 -9.09
N GLY E 27 -13.47 -29.55 -9.86
CA GLY E 27 -12.23 -30.29 -9.98
C GLY E 27 -11.13 -29.59 -10.74
N LEU E 28 -11.41 -28.46 -11.37
CA LEU E 28 -10.39 -27.70 -12.09
C LEU E 28 -9.85 -26.54 -11.27
N ILE E 29 -9.86 -26.67 -9.94
CA ILE E 29 -9.39 -25.62 -9.05
C ILE E 29 -8.04 -26.06 -8.49
N TYR E 30 -7.85 -27.36 -8.39
CA TYR E 30 -6.64 -27.88 -7.78
C TYR E 30 -5.42 -27.69 -8.66
N GLU E 31 -5.58 -27.56 -9.97
CA GLU E 31 -4.49 -27.12 -10.83
C GLU E 31 -4.50 -25.60 -11.02
N GLU E 32 -5.52 -24.93 -10.53
CA GLU E 32 -5.62 -23.47 -10.59
C GLU E 32 -4.92 -22.80 -9.42
N THR E 33 -5.17 -23.27 -8.19
CA THR E 33 -4.60 -22.61 -7.02
C THR E 33 -3.14 -22.91 -6.83
N ARG E 34 -2.67 -24.11 -7.19
CA ARG E 34 -1.24 -24.35 -7.09
C ARG E 34 -0.46 -23.64 -8.18
N GLY E 35 -1.14 -23.10 -9.20
CA GLY E 35 -0.53 -22.10 -10.04
C GLY E 35 -0.57 -20.71 -9.43
N VAL E 36 -1.59 -20.42 -8.63
CA VAL E 36 -1.67 -19.14 -7.92
C VAL E 36 -0.69 -19.12 -6.76
N LEU E 37 -0.48 -20.26 -6.11
CA LEU E 37 0.46 -20.35 -5.00
C LEU E 37 1.89 -20.13 -5.44
N LYS E 38 2.29 -20.75 -6.55
CA LYS E 38 3.68 -20.62 -6.95
C LYS E 38 4.01 -19.26 -7.51
N VAL E 39 3.03 -18.53 -8.04
CA VAL E 39 3.27 -17.14 -8.41
C VAL E 39 3.47 -16.28 -7.17
N PHE E 40 2.79 -16.64 -6.08
CA PHE E 40 2.98 -15.91 -4.82
C PHE E 40 4.36 -16.15 -4.23
N LEU E 41 4.82 -17.41 -4.22
CA LEU E 41 6.13 -17.70 -3.66
C LEU E 41 7.26 -17.19 -4.53
N GLU E 42 7.06 -17.11 -5.84
CA GLU E 42 8.11 -16.57 -6.71
C GLU E 42 8.31 -15.08 -6.53
N ASN E 43 7.37 -14.40 -5.90
CA ASN E 43 7.51 -12.98 -5.62
C ASN E 43 8.06 -12.71 -4.23
N VAL E 44 7.75 -13.58 -3.26
CA VAL E 44 8.25 -13.38 -1.91
C VAL E 44 9.69 -13.88 -1.78
N ILE E 45 10.01 -14.98 -2.45
CA ILE E 45 11.35 -15.55 -2.31
C ILE E 45 12.39 -14.73 -3.08
N ARG E 46 12.04 -14.19 -4.26
CA ARG E 46 13.04 -13.42 -5.00
C ARG E 46 13.32 -12.08 -4.37
N ASP E 47 12.47 -11.61 -3.47
CA ASP E 47 12.83 -10.50 -2.60
C ASP E 47 13.50 -10.97 -1.33
N ALA E 48 13.22 -12.19 -0.88
CA ALA E 48 13.89 -12.72 0.30
C ALA E 48 15.36 -13.01 0.00
N VAL E 49 15.64 -13.63 -1.14
CA VAL E 49 17.00 -14.05 -1.45
C VAL E 49 17.84 -12.92 -2.02
N THR E 50 17.25 -11.78 -2.33
CA THR E 50 18.06 -10.61 -2.67
C THR E 50 18.32 -9.74 -1.46
N TYR E 51 17.73 -10.07 -0.31
CA TYR E 51 18.20 -9.57 0.96
C TYR E 51 19.39 -10.36 1.47
N THR E 52 19.47 -11.64 1.15
CA THR E 52 20.61 -12.43 1.57
C THR E 52 21.85 -12.12 0.74
N GLU E 53 21.67 -11.81 -0.54
CA GLU E 53 22.81 -11.40 -1.35
C GLU E 53 23.33 -10.04 -0.91
N HIS E 54 22.44 -9.15 -0.49
CA HIS E 54 22.87 -7.82 -0.09
C HIS E 54 23.62 -7.85 1.22
N ALA E 55 23.25 -8.77 2.11
CA ALA E 55 23.95 -8.95 3.37
C ALA E 55 25.14 -9.89 3.26
N LYS E 56 25.44 -10.38 2.05
CA LYS E 56 26.52 -11.32 1.75
C LYS E 56 26.38 -12.63 2.53
N ARG E 57 25.16 -13.01 2.86
CA ARG E 57 24.90 -14.27 3.52
C ARG E 57 24.68 -15.37 2.50
N LYS E 58 24.71 -16.61 2.99
CA LYS E 58 24.34 -17.77 2.20
C LYS E 58 23.04 -18.41 2.67
N THR E 59 22.58 -18.09 3.86
CA THR E 59 21.34 -18.62 4.38
C THR E 59 20.25 -17.55 4.32
N VAL E 60 19.01 -18.01 4.25
CA VAL E 60 17.85 -17.13 4.24
C VAL E 60 17.33 -17.07 5.66
N THR E 61 17.48 -15.92 6.30
CA THR E 61 17.03 -15.81 7.67
C THR E 61 15.53 -15.57 7.72
N ALA E 62 14.98 -15.60 8.93
CA ALA E 62 13.55 -15.42 9.07
C ALA E 62 13.16 -13.97 8.88
N MET E 63 14.06 -13.04 9.14
CA MET E 63 13.77 -11.63 8.91
C MET E 63 13.76 -11.28 7.44
N ASP E 64 14.44 -12.05 6.60
CA ASP E 64 14.44 -11.76 5.18
C ASP E 64 13.11 -12.10 4.54
N VAL E 65 12.40 -13.08 5.08
CA VAL E 65 11.05 -13.34 4.61
C VAL E 65 10.11 -12.25 5.10
N VAL E 66 10.31 -11.80 6.34
CA VAL E 66 9.43 -10.81 6.94
C VAL E 66 9.63 -9.43 6.32
N TYR E 67 10.87 -9.08 5.97
CA TYR E 67 11.06 -7.80 5.29
C TYR E 67 10.57 -7.84 3.85
N ALA E 68 10.65 -9.01 3.22
CA ALA E 68 10.16 -9.13 1.85
C ALA E 68 8.65 -9.10 1.79
N LEU E 69 7.98 -9.58 2.83
CA LEU E 69 6.52 -9.56 2.86
C LEU E 69 5.98 -8.19 3.17
N LYS E 70 6.69 -7.41 3.99
CA LYS E 70 6.21 -6.09 4.38
C LYS E 70 6.18 -5.13 3.19
N ARG E 71 7.11 -5.28 2.27
CA ARG E 71 7.12 -4.37 1.14
C ARG E 71 6.19 -4.80 0.02
N GLN E 72 5.56 -5.96 0.14
CA GLN E 72 4.41 -6.31 -0.69
C GLN E 72 3.10 -5.96 -0.01
N GLY E 73 3.15 -5.31 1.14
CA GLY E 73 1.95 -4.96 1.86
C GLY E 73 1.31 -6.13 2.55
N ARG E 74 2.12 -7.06 3.04
CA ARG E 74 1.62 -8.31 3.61
C ARG E 74 2.36 -8.61 4.91
N THR E 75 2.35 -7.66 5.84
CA THR E 75 3.22 -7.71 7.01
C THR E 75 2.85 -8.86 7.93
N LEU E 76 3.85 -9.43 8.58
CA LEU E 76 3.71 -10.65 9.34
C LEU E 76 4.16 -10.39 10.78
N TYR E 77 3.35 -10.81 11.73
CA TYR E 77 3.68 -10.70 13.14
C TYR E 77 3.97 -12.07 13.69
N GLY E 78 5.12 -12.22 14.34
CA GLY E 78 5.42 -13.45 15.03
C GLY E 78 6.79 -14.01 14.72
N PHE E 79 7.56 -13.30 13.90
CA PHE E 79 8.87 -13.79 13.50
C PHE E 79 9.94 -12.73 13.61
N GLY E 80 9.68 -11.65 14.36
CA GLY E 80 10.68 -10.61 14.55
C GLY E 80 10.10 -9.21 14.53
N ALA F 1 42.75 29.82 -10.88
CA ALA F 1 44.06 29.32 -11.26
C ALA F 1 44.23 27.85 -10.88
N ARG F 2 43.11 27.21 -10.58
CA ARG F 2 43.12 25.80 -10.20
C ARG F 2 42.91 24.90 -11.40
N ALA F 3 41.71 24.99 -11.97
CA ALA F 3 41.19 24.14 -13.03
C ALA F 3 39.78 24.62 -13.37
N LYS F 4 39.31 24.35 -14.57
CA LYS F 4 37.93 24.69 -14.88
C LYS F 4 37.02 23.66 -14.24
N ALA F 5 35.92 24.12 -13.65
CA ALA F 5 35.04 23.26 -12.89
C ALA F 5 34.23 22.36 -13.81
N LYS F 6 34.41 21.05 -13.66
CA LYS F 6 33.65 20.05 -14.40
C LYS F 6 32.55 19.51 -13.51
N THR F 7 31.34 19.43 -14.05
CA THR F 7 30.23 18.86 -13.30
C THR F 7 30.41 17.36 -13.15
N ARG F 8 29.87 16.82 -12.05
CA ARG F 8 29.96 15.38 -11.84
C ARG F 8 29.03 14.60 -12.76
N SER F 9 28.03 15.26 -13.35
CA SER F 9 27.22 14.60 -14.34
C SER F 9 27.94 14.43 -15.67
N SER F 10 28.98 15.22 -15.92
CA SER F 10 29.78 15.08 -17.12
C SER F 10 30.96 14.15 -16.94
N ARG F 11 31.33 13.84 -15.70
CA ARG F 11 32.32 12.80 -15.46
C ARG F 11 31.75 11.42 -15.76
N ALA F 12 30.46 11.23 -15.59
CA ALA F 12 29.80 9.96 -15.86
C ALA F 12 29.06 9.95 -17.18
N GLY F 13 28.94 11.09 -17.85
CA GLY F 13 28.23 11.15 -19.10
C GLY F 13 26.74 11.05 -18.92
N LEU F 14 26.19 11.89 -18.05
CA LEU F 14 24.77 11.86 -17.76
C LEU F 14 24.17 13.23 -18.03
N GLN F 15 22.85 13.26 -18.10
CA GLN F 15 22.11 14.50 -18.23
C GLN F 15 21.42 14.92 -16.94
N PHE F 16 20.90 13.97 -16.18
CA PHE F 16 20.39 14.26 -14.85
C PHE F 16 21.53 14.66 -13.92
N PRO F 17 21.28 15.56 -12.96
CA PRO F 17 22.38 16.13 -12.18
C PRO F 17 22.85 15.18 -11.09
N VAL F 18 24.17 15.08 -10.92
CA VAL F 18 24.67 14.27 -9.83
C VAL F 18 24.79 15.09 -8.56
N GLY F 19 25.17 16.36 -8.69
CA GLY F 19 25.32 17.20 -7.52
C GLY F 19 24.03 17.53 -6.82
N ARG F 20 22.93 17.64 -7.56
CA ARG F 20 21.63 17.88 -6.93
C ARG F 20 21.12 16.64 -6.23
N VAL F 21 21.26 15.48 -6.88
CA VAL F 21 20.83 14.21 -6.29
C VAL F 21 21.67 13.88 -5.05
N HIS F 22 22.94 14.28 -5.03
CA HIS F 22 23.77 14.06 -3.85
C HIS F 22 23.31 14.90 -2.68
N ARG F 23 22.86 16.12 -2.94
CA ARG F 23 22.33 16.96 -1.87
C ARG F 23 21.00 16.43 -1.37
N LEU F 24 20.13 15.96 -2.27
CA LEU F 24 18.82 15.48 -1.86
C LEU F 24 18.91 14.17 -1.09
N LEU F 25 19.96 13.39 -1.32
CA LEU F 25 20.18 12.21 -0.50
C LEU F 25 20.68 12.59 0.89
N ARG F 26 21.59 13.56 0.95
CA ARG F 26 22.25 13.91 2.21
C ARG F 26 21.37 14.82 3.08
N LYS F 27 20.39 15.50 2.49
CA LYS F 27 19.46 16.33 3.25
C LYS F 27 18.06 15.74 3.30
N GLY F 28 17.87 14.51 2.83
CA GLY F 28 16.58 13.89 2.83
C GLY F 28 16.32 12.93 3.97
N ASN F 29 17.25 12.83 4.93
CA ASN F 29 17.16 11.97 6.12
C ASN F 29 17.02 10.50 5.74
N TYR F 30 18.02 10.01 5.00
CA TYR F 30 18.05 8.62 4.60
C TYR F 30 19.12 7.82 5.32
N SER F 31 20.29 8.41 5.54
CA SER F 31 21.35 7.77 6.29
C SER F 31 22.25 8.83 6.90
N GLU F 32 23.18 8.38 7.73
CA GLU F 32 24.14 9.27 8.37
C GLU F 32 25.13 9.84 7.36
N ARG F 33 25.45 9.07 6.33
CA ARG F 33 26.42 9.51 5.34
C ARG F 33 26.13 8.81 4.03
N VAL F 34 26.58 9.43 2.93
CA VAL F 34 26.23 9.03 1.57
C VAL F 34 27.52 8.78 0.81
N GLY F 35 27.59 7.61 0.16
CA GLY F 35 28.77 7.29 -0.63
C GLY F 35 28.91 8.16 -1.86
N ALA F 36 30.11 8.16 -2.43
CA ALA F 36 30.40 9.05 -3.55
C ALA F 36 29.87 8.52 -4.86
N GLY F 37 29.73 7.20 -5.00
CA GLY F 37 29.16 6.64 -6.19
C GLY F 37 27.66 6.51 -6.16
N ALA F 38 27.05 6.78 -5.02
CA ALA F 38 25.61 6.66 -4.82
C ALA F 38 24.77 7.67 -5.61
N PRO F 39 25.09 8.98 -5.68
CA PRO F 39 24.32 9.82 -6.60
C PRO F 39 24.63 9.59 -8.05
N VAL F 40 25.81 9.06 -8.38
CA VAL F 40 26.13 8.73 -9.76
C VAL F 40 25.29 7.54 -10.21
N TYR F 41 25.08 6.57 -9.32
CA TYR F 41 24.28 5.41 -9.67
C TYR F 41 22.82 5.80 -9.79
N LEU F 42 22.34 6.66 -8.90
CA LEU F 42 20.91 6.97 -8.85
C LEU F 42 20.49 7.92 -9.96
N ALA F 43 21.36 8.86 -10.36
CA ALA F 43 21.00 9.75 -11.44
C ALA F 43 21.02 9.07 -12.80
N ALA F 44 21.67 7.91 -12.91
CA ALA F 44 21.63 7.15 -14.16
C ALA F 44 20.40 6.28 -14.24
N VAL F 45 19.90 5.80 -13.10
CA VAL F 45 18.67 5.02 -13.09
C VAL F 45 17.48 5.92 -13.35
N LEU F 46 17.50 7.13 -12.81
CA LEU F 46 16.43 8.08 -13.08
C LEU F 46 16.44 8.55 -14.52
N GLU F 47 17.62 8.65 -15.14
CA GLU F 47 17.69 9.07 -16.53
C GLU F 47 17.21 7.99 -17.46
N TYR F 48 17.43 6.71 -17.12
CA TYR F 48 16.96 5.63 -17.96
C TYR F 48 15.44 5.53 -17.95
N LEU F 49 14.81 5.75 -16.80
CA LEU F 49 13.37 5.58 -16.71
C LEU F 49 12.62 6.71 -17.40
N THR F 50 13.18 7.92 -17.40
CA THR F 50 12.55 8.98 -18.16
C THR F 50 12.81 8.83 -19.65
N ALA F 51 13.97 8.29 -20.03
CA ALA F 51 14.23 8.01 -21.43
C ALA F 51 13.36 6.87 -21.93
N GLU F 52 12.95 5.97 -21.05
CA GLU F 52 12.06 4.89 -21.44
C GLU F 52 10.64 5.37 -21.66
N ILE F 53 10.18 6.35 -20.88
CA ILE F 53 8.81 6.84 -21.01
C ILE F 53 8.70 7.81 -22.18
N LEU F 54 9.65 8.75 -22.28
CA LEU F 54 9.62 9.73 -23.35
C LEU F 54 9.86 9.12 -24.72
N GLU F 55 10.45 7.93 -24.78
CA GLU F 55 10.50 7.21 -26.05
C GLU F 55 9.13 6.66 -26.41
N LEU F 56 8.41 6.13 -25.43
CA LEU F 56 7.10 5.59 -25.69
C LEU F 56 6.05 6.67 -25.80
N ALA F 57 6.19 7.76 -25.06
CA ALA F 57 5.26 8.86 -25.17
C ALA F 57 5.47 9.66 -26.44
N GLY F 58 6.72 9.71 -26.93
CA GLY F 58 6.96 10.34 -28.22
C GLY F 58 6.43 9.54 -29.37
N ASN F 59 6.33 8.23 -29.22
CA ASN F 59 5.74 7.40 -30.26
C ASN F 59 4.23 7.58 -30.31
N ALA F 60 3.60 7.72 -29.14
CA ALA F 60 2.15 7.90 -29.11
C ALA F 60 1.74 9.27 -29.61
N ALA F 61 2.64 10.25 -29.56
CA ALA F 61 2.33 11.58 -30.08
C ALA F 61 2.40 11.62 -31.60
N ARG F 62 3.32 10.87 -32.21
CA ARG F 62 3.39 10.89 -33.66
C ARG F 62 2.33 9.98 -34.27
N ASP F 63 1.81 9.03 -33.49
CA ASP F 63 0.68 8.23 -33.95
C ASP F 63 -0.63 9.01 -33.90
N ASN F 64 -0.66 10.12 -33.15
CA ASN F 64 -1.79 11.04 -33.14
C ASN F 64 -1.43 12.32 -33.92
N LYS F 65 -0.30 12.28 -34.64
CA LYS F 65 0.11 13.31 -35.61
C LYS F 65 0.34 14.66 -34.94
N LYS F 66 0.88 14.64 -33.73
CA LYS F 66 1.21 15.84 -32.99
C LYS F 66 2.69 15.85 -32.65
N THR F 67 3.22 17.04 -32.37
CA THR F 67 4.63 17.21 -32.07
C THR F 67 4.88 17.60 -30.63
N ARG F 68 3.85 17.81 -29.82
CA ARG F 68 3.98 18.07 -28.41
C ARG F 68 3.37 16.93 -27.63
N ILE F 69 4.08 16.47 -26.60
CA ILE F 69 3.58 15.42 -25.72
C ILE F 69 2.65 16.06 -24.70
N ILE F 70 1.38 15.67 -24.71
CA ILE F 70 0.39 16.13 -23.75
C ILE F 70 0.24 14.99 -22.75
N PRO F 71 -0.40 15.16 -21.58
CA PRO F 71 -0.55 14.02 -20.66
C PRO F 71 -1.41 12.86 -21.15
N ARG F 72 -2.10 12.97 -22.29
CA ARG F 72 -2.73 11.78 -22.85
C ARG F 72 -1.69 10.79 -23.34
N HIS F 73 -0.62 11.29 -23.96
CA HIS F 73 0.37 10.40 -24.53
C HIS F 73 1.21 9.74 -23.45
N LEU F 74 1.32 10.37 -22.28
CA LEU F 74 1.98 9.71 -21.16
C LEU F 74 1.12 8.61 -20.57
N GLN F 75 -0.20 8.77 -20.60
CA GLN F 75 -1.09 7.72 -20.13
C GLN F 75 -1.06 6.52 -21.08
N LEU F 76 -1.07 6.78 -22.39
CA LEU F 76 -1.03 5.70 -23.36
C LEU F 76 0.31 4.99 -23.40
N ALA F 77 1.38 5.69 -23.06
CA ALA F 77 2.70 5.07 -23.07
C ALA F 77 2.85 4.10 -21.91
N ILE F 78 2.32 4.47 -20.74
CA ILE F 78 2.56 3.70 -19.54
C ILE F 78 1.62 2.50 -19.47
N ARG F 79 0.34 2.69 -19.80
CA ARG F 79 -0.62 1.60 -19.67
C ARG F 79 -0.55 0.58 -20.80
N ASN F 80 0.18 0.87 -21.88
CA ASN F 80 0.39 -0.13 -22.92
C ASN F 80 1.65 -0.95 -22.71
N ASP F 81 2.71 -0.36 -22.18
CA ASP F 81 3.89 -1.14 -21.84
C ASP F 81 3.64 -1.93 -20.57
N GLU F 82 4.08 -3.19 -20.57
CA GLU F 82 3.68 -4.08 -19.48
C GLU F 82 4.55 -3.87 -18.25
N GLU F 83 5.77 -3.35 -18.42
CA GLU F 83 6.64 -3.15 -17.27
C GLU F 83 6.44 -1.82 -16.60
N LEU F 84 6.14 -0.78 -17.37
CA LEU F 84 5.79 0.52 -16.79
C LEU F 84 4.42 0.51 -16.16
N ASN F 85 3.52 -0.36 -16.63
CA ASN F 85 2.20 -0.45 -16.02
C ASN F 85 2.28 -1.05 -14.63
N LYS F 86 3.24 -1.94 -14.38
CA LYS F 86 3.33 -2.53 -13.05
C LYS F 86 4.14 -1.66 -12.10
N LEU F 87 5.09 -0.89 -12.62
CA LEU F 87 5.77 0.11 -11.81
C LEU F 87 4.84 1.24 -11.40
N LEU F 88 3.86 1.55 -12.24
CA LEU F 88 2.99 2.69 -11.99
C LEU F 88 1.52 2.25 -11.96
N GLY F 89 1.24 1.15 -11.25
CA GLY F 89 -0.10 0.61 -11.23
C GLY F 89 -1.03 1.25 -10.24
N ARG F 90 -0.49 1.96 -9.27
CA ARG F 90 -1.27 2.65 -8.26
C ARG F 90 -1.23 4.16 -8.43
N VAL F 91 -0.94 4.63 -9.64
CA VAL F 91 -0.64 6.03 -9.90
C VAL F 91 -1.66 6.60 -10.86
N THR F 92 -2.32 7.68 -10.47
CA THR F 92 -3.23 8.41 -11.33
C THR F 92 -2.48 9.51 -12.06
N ILE F 93 -2.66 9.58 -13.37
CA ILE F 93 -2.11 10.65 -14.18
C ILE F 93 -3.24 11.62 -14.54
N ALA F 94 -3.08 12.88 -14.17
CA ALA F 94 -4.12 13.87 -14.37
C ALA F 94 -4.26 14.23 -15.85
N GLN F 95 -5.50 14.36 -16.30
CA GLN F 95 -5.87 14.58 -17.70
C GLN F 95 -5.30 13.48 -18.60
N GLY F 96 -5.39 12.24 -18.15
CA GLY F 96 -4.83 11.14 -18.89
C GLY F 96 -5.89 10.26 -19.50
N GLY F 97 -7.07 10.22 -18.90
CA GLY F 97 -8.12 9.38 -19.41
C GLY F 97 -7.82 7.91 -19.15
N VAL F 98 -8.48 7.06 -19.93
CA VAL F 98 -8.29 5.62 -19.84
C VAL F 98 -7.88 5.09 -21.20
N LEU F 99 -7.69 3.78 -21.29
CA LEU F 99 -7.45 3.09 -22.55
C LEU F 99 -8.75 2.50 -23.07
N PRO F 100 -9.01 2.61 -24.36
CA PRO F 100 -10.26 2.09 -24.90
C PRO F 100 -10.33 0.58 -24.97
N ASN F 101 -11.13 -0.02 -24.10
CA ASN F 101 -11.46 -1.44 -24.23
C ASN F 101 -12.92 -1.66 -23.86
N ILE F 102 -13.67 -2.22 -24.80
CA ILE F 102 -15.03 -2.68 -24.57
C ILE F 102 -14.97 -4.18 -24.36
N GLN F 103 -15.65 -4.67 -23.33
CA GLN F 103 -15.73 -6.10 -23.11
C GLN F 103 -16.52 -6.76 -24.24
N ALA F 104 -16.05 -7.93 -24.67
CA ALA F 104 -16.56 -8.53 -25.90
C ALA F 104 -17.97 -9.07 -25.78
N VAL F 105 -18.47 -9.23 -24.55
CA VAL F 105 -19.86 -9.60 -24.35
C VAL F 105 -20.77 -8.45 -24.76
N LEU F 106 -20.30 -7.21 -24.61
CA LEU F 106 -21.12 -6.05 -24.86
C LEU F 106 -21.22 -5.71 -26.34
N LEU F 107 -20.31 -6.19 -27.16
CA LEU F 107 -20.38 -5.94 -28.58
C LEU F 107 -21.49 -6.78 -29.21
N PRO F 108 -22.27 -6.22 -30.13
CA PRO F 108 -23.43 -6.94 -30.65
C PRO F 108 -23.08 -7.86 -31.80
N LYS F 109 -23.69 -9.04 -31.77
CA LYS F 109 -23.55 -10.02 -32.83
C LYS F 109 -24.76 -10.94 -32.84
N ARG I 1 27.02 -13.50 22.95
CA ARG I 1 26.44 -13.10 24.23
C ARG I 1 25.93 -11.68 24.15
N SER I 2 25.54 -11.26 22.94
CA SER I 2 25.11 -9.89 22.69
C SER I 2 23.76 -9.64 23.36
N ARG I 3 23.52 -8.40 23.77
CA ARG I 3 22.29 -8.04 24.48
C ARG I 3 21.32 -7.41 23.48
N LYS I 4 20.19 -8.07 23.26
CA LYS I 4 19.18 -7.59 22.32
C LYS I 4 17.94 -7.11 23.05
N GLU I 5 17.38 -5.99 22.59
CA GLU I 5 16.29 -5.30 23.26
C GLU I 5 14.94 -5.74 22.72
N SER I 6 13.93 -5.70 23.58
CA SER I 6 12.55 -5.90 23.17
C SER I 6 11.68 -5.01 24.05
N TYR I 7 10.37 -5.14 23.87
CA TYR I 7 9.39 -4.46 24.71
C TYR I 7 8.70 -5.42 25.66
N SER I 8 9.27 -6.60 25.88
CA SER I 8 8.57 -7.64 26.63
C SER I 8 8.49 -7.33 28.11
N VAL I 9 9.37 -6.49 28.62
CA VAL I 9 9.26 -6.05 30.00
C VAL I 9 8.06 -5.13 30.16
N TYR I 10 7.85 -4.24 29.19
CA TYR I 10 6.86 -3.19 29.31
C TYR I 10 5.47 -3.67 28.95
N VAL I 11 5.37 -4.63 28.02
CA VAL I 11 4.08 -5.23 27.71
C VAL I 11 3.57 -6.02 28.90
N TYR I 12 4.47 -6.68 29.62
CA TYR I 12 4.05 -7.47 30.77
C TYR I 12 3.71 -6.59 31.97
N LYS I 13 4.13 -5.33 31.98
CA LYS I 13 3.67 -4.43 33.04
C LYS I 13 2.30 -3.86 32.73
N VAL I 14 2.01 -3.60 31.46
CA VAL I 14 0.70 -3.09 31.07
C VAL I 14 -0.36 -4.18 31.22
N LEU I 15 0.02 -5.44 30.99
CA LEU I 15 -0.92 -6.55 31.13
C LEU I 15 -1.34 -6.74 32.58
N LYS I 16 -0.42 -6.51 33.53
CA LYS I 16 -0.78 -6.66 34.93
C LYS I 16 -1.50 -5.46 35.51
N GLN I 17 -1.67 -4.39 34.73
CA GLN I 17 -2.55 -3.30 35.14
C GLN I 17 -3.94 -3.41 34.53
N VAL I 18 -4.11 -4.27 33.55
CA VAL I 18 -5.39 -4.45 32.88
C VAL I 18 -6.06 -5.75 33.30
N HIS I 19 -5.32 -6.86 33.23
CA HIS I 19 -5.78 -8.16 33.68
C HIS I 19 -4.71 -8.71 34.62
N PRO I 20 -4.82 -8.46 35.93
CA PRO I 20 -3.72 -8.83 36.84
C PRO I 20 -3.62 -10.32 37.12
N ASP I 21 -4.59 -11.13 36.72
CA ASP I 21 -4.53 -12.58 36.86
C ASP I 21 -4.57 -13.27 35.51
N THR I 22 -3.83 -12.74 34.54
CA THR I 22 -3.76 -13.30 33.20
C THR I 22 -2.32 -13.25 32.73
N GLY I 23 -1.87 -14.34 32.11
CA GLY I 23 -0.55 -14.42 31.55
C GLY I 23 -0.54 -14.35 30.03
N ILE I 24 0.63 -14.60 29.47
CA ILE I 24 0.81 -14.50 28.03
C ILE I 24 1.81 -15.58 27.60
N SER I 25 1.71 -16.02 26.36
CA SER I 25 2.63 -17.01 25.83
C SER I 25 3.94 -16.34 25.44
N SER I 26 4.88 -17.12 24.92
CA SER I 26 6.06 -16.52 24.34
C SER I 26 5.79 -16.09 22.91
N LYS I 27 5.02 -16.88 22.18
CA LYS I 27 4.65 -16.53 20.82
C LYS I 27 3.70 -15.36 20.74
N ALA I 28 2.89 -15.12 21.76
CA ALA I 28 2.06 -13.93 21.79
C ALA I 28 2.80 -12.71 22.28
N MET I 29 3.91 -12.89 22.98
CA MET I 29 4.75 -11.75 23.31
C MET I 29 5.60 -11.32 22.12
N GLY I 30 6.02 -12.28 21.28
CA GLY I 30 6.72 -11.93 20.06
C GLY I 30 5.85 -11.25 19.03
N ILE I 31 4.53 -11.37 19.16
CA ILE I 31 3.63 -10.63 18.30
C ILE I 31 3.40 -9.23 18.85
N MET I 32 3.33 -9.09 20.17
CA MET I 32 3.22 -7.77 20.76
C MET I 32 4.51 -6.99 20.64
N ASN I 33 5.66 -7.66 20.47
CA ASN I 33 6.87 -6.93 20.09
C ASN I 33 6.81 -6.49 18.63
N SER I 34 6.20 -7.29 17.77
CA SER I 34 6.08 -6.89 16.38
C SER I 34 5.04 -5.81 16.20
N PHE I 35 4.06 -5.72 17.10
CA PHE I 35 3.06 -4.68 17.02
C PHE I 35 3.63 -3.32 17.40
N VAL I 36 4.40 -3.27 18.49
CA VAL I 36 4.93 -2.00 18.97
C VAL I 36 5.97 -1.46 18.02
N ASN I 37 6.80 -2.34 17.44
CA ASN I 37 7.78 -1.90 16.46
C ASN I 37 7.11 -1.37 15.20
N ASP I 38 5.97 -1.94 14.83
CA ASP I 38 5.30 -1.51 13.62
C ASP I 38 4.63 -0.16 13.78
N ILE I 39 3.88 0.03 14.87
CA ILE I 39 3.21 1.30 15.14
C ILE I 39 4.22 2.40 15.45
N PHE I 40 5.39 2.06 15.97
CA PHE I 40 6.45 3.05 16.15
C PHE I 40 6.92 3.60 14.82
N GLU I 41 7.22 2.72 13.87
CA GLU I 41 7.76 3.18 12.60
C GLU I 41 6.69 3.74 11.67
N ARG I 42 5.41 3.53 11.96
CA ARG I 42 4.40 4.24 11.19
C ARG I 42 4.30 5.68 11.65
N ILE I 43 4.30 5.90 12.97
CA ILE I 43 4.14 7.23 13.51
C ILE I 43 5.41 8.04 13.35
N ALA I 44 6.57 7.43 13.59
CA ALA I 44 7.82 8.14 13.39
C ALA I 44 8.11 8.34 11.91
N GLY I 45 7.59 7.46 11.05
CA GLY I 45 7.74 7.65 9.62
C GLY I 45 6.85 8.74 9.06
N GLU I 46 5.67 8.92 9.64
CA GLU I 46 4.78 9.98 9.19
C GLU I 46 5.17 11.34 9.76
N ALA I 47 5.61 11.36 11.02
CA ALA I 47 6.12 12.60 11.61
C ALA I 47 7.41 13.06 10.97
N SER I 48 8.19 12.14 10.39
CA SER I 48 9.37 12.53 9.64
C SER I 48 9.01 13.27 8.36
N ARG I 49 7.86 12.96 7.76
CA ARG I 49 7.44 13.65 6.55
C ARG I 49 6.75 14.96 6.86
N LEU I 50 6.01 15.05 7.96
CA LEU I 50 5.39 16.31 8.37
C LEU I 50 6.43 17.37 8.70
N ALA I 51 7.53 16.98 9.33
CA ALA I 51 8.60 17.93 9.59
C ALA I 51 9.32 18.31 8.30
N HIS I 52 9.38 17.39 7.34
CA HIS I 52 10.06 17.68 6.09
C HIS I 52 9.19 18.51 5.15
N TYR I 53 7.87 18.32 5.19
CA TYR I 53 6.99 19.08 4.32
C TYR I 53 6.95 20.55 4.69
N ASN I 54 7.01 20.86 5.98
CA ASN I 54 6.94 22.23 6.44
C ASN I 54 8.32 22.85 6.60
N LYS I 55 9.35 22.18 6.07
CA LYS I 55 10.75 22.62 6.13
C LYS I 55 11.22 22.86 7.55
N ARG I 56 10.79 22.02 8.49
CA ARG I 56 11.32 22.02 9.83
C ARG I 56 12.38 20.93 9.96
N SER I 57 13.13 20.98 11.04
CA SER I 57 14.14 19.98 11.32
C SER I 57 13.95 19.31 12.66
N THR I 58 12.93 19.69 13.42
CA THR I 58 12.67 19.13 14.73
C THR I 58 11.37 18.35 14.68
N ILE I 59 11.37 17.14 15.21
CA ILE I 59 10.14 16.42 15.49
C ILE I 59 9.75 16.75 16.92
N THR I 60 8.68 17.49 17.08
CA THR I 60 8.16 17.82 18.39
C THR I 60 6.96 16.93 18.68
N SER I 61 6.29 17.18 19.80
CA SER I 61 5.06 16.46 20.10
C SER I 61 3.92 16.86 19.18
N ARG I 62 4.04 18.02 18.53
CA ARG I 62 3.00 18.50 17.65
C ARG I 62 3.06 17.80 16.29
N GLU I 63 4.23 17.33 15.87
CA GLU I 63 4.30 16.45 14.72
C GLU I 63 3.89 15.02 15.05
N ILE I 64 3.74 14.69 16.33
CA ILE I 64 3.23 13.37 16.69
C ILE I 64 1.74 13.41 16.99
N GLN I 65 1.18 14.57 17.36
CA GLN I 65 -0.28 14.67 17.38
C GLN I 65 -0.86 14.50 16.00
N THR I 66 -0.23 15.12 15.01
CA THR I 66 -0.76 15.07 13.66
C THR I 66 -0.58 13.70 13.04
N ALA I 67 0.53 13.03 13.34
CA ALA I 67 0.76 11.69 12.82
C ALA I 67 -0.16 10.67 13.47
N VAL I 68 -0.59 10.90 14.72
CA VAL I 68 -1.60 10.06 15.32
C VAL I 68 -2.96 10.29 14.68
N ARG I 69 -3.30 11.56 14.40
CA ARG I 69 -4.58 11.86 13.78
C ARG I 69 -4.66 11.37 12.34
N LEU I 70 -3.53 11.25 11.67
CA LEU I 70 -3.52 10.70 10.31
C LEU I 70 -3.63 9.19 10.31
N LEU I 71 -2.91 8.52 11.21
CA LEU I 71 -2.77 7.07 11.14
C LEU I 71 -3.86 6.33 11.90
N LEU I 72 -4.19 6.78 13.09
CA LEU I 72 -5.11 5.98 13.87
C LEU I 72 -6.55 6.31 13.47
N PRO I 73 -7.41 5.32 13.34
CA PRO I 73 -8.75 5.58 12.82
C PRO I 73 -9.74 6.01 13.87
N GLY I 74 -10.56 7.01 13.57
CA GLY I 74 -11.80 7.29 14.29
C GLY I 74 -11.63 7.64 15.75
N GLU I 75 -12.35 6.90 16.60
CA GLU I 75 -12.32 7.13 18.03
C GLU I 75 -11.02 6.64 18.65
N LEU I 76 -10.34 5.71 17.99
CA LEU I 76 -9.06 5.20 18.47
C LEU I 76 -7.97 6.26 18.42
N ALA I 77 -8.10 7.24 17.52
CA ALA I 77 -7.20 8.38 17.51
C ALA I 77 -7.61 9.43 18.52
N LYS I 78 -8.86 9.42 18.95
CA LYS I 78 -9.34 10.47 19.84
C LYS I 78 -8.91 10.20 21.27
N HIS I 79 -8.84 8.94 21.68
CA HIS I 79 -8.36 8.59 23.00
C HIS I 79 -6.84 8.59 23.07
N ALA I 80 -6.17 8.36 21.95
CA ALA I 80 -4.71 8.34 21.94
C ALA I 80 -4.11 9.73 22.01
N VAL I 81 -4.84 10.75 21.58
CA VAL I 81 -4.38 12.13 21.74
C VAL I 81 -4.61 12.59 23.17
N SER I 82 -5.72 12.16 23.78
CA SER I 82 -6.00 12.44 25.17
C SER I 82 -4.98 11.79 26.09
N GLU I 83 -4.58 10.56 25.77
CA GLU I 83 -3.54 9.88 26.51
C GLU I 83 -2.16 10.47 26.24
N GLY I 84 -1.98 11.17 25.12
CA GLY I 84 -0.71 11.77 24.80
C GLY I 84 -0.48 13.13 25.40
N THR I 85 -1.48 14.03 25.30
CA THR I 85 -1.32 15.37 25.86
C THR I 85 -1.28 15.33 27.37
N LYS I 86 -1.92 14.34 27.98
CA LYS I 86 -1.90 14.22 29.42
C LYS I 86 -0.54 13.78 29.92
N ALA I 87 0.17 12.97 29.15
CA ALA I 87 1.51 12.56 29.54
C ALA I 87 2.52 13.67 29.35
N VAL I 88 2.33 14.55 28.37
CA VAL I 88 3.23 15.67 28.18
C VAL I 88 2.97 16.73 29.24
N THR I 89 1.70 16.93 29.60
CA THR I 89 1.34 17.88 30.65
C THR I 89 1.89 17.45 32.01
N LYS I 90 1.83 16.15 32.31
CA LYS I 90 2.39 15.66 33.56
C LYS I 90 3.92 15.70 33.54
N TYR I 91 4.53 15.60 32.36
CA TYR I 91 5.98 15.59 32.27
C TYR I 91 6.56 16.97 32.50
N THR I 92 5.93 18.02 31.97
CA THR I 92 6.45 19.36 32.15
C THR I 92 6.17 19.92 33.53
N SER I 93 5.23 19.34 34.27
CA SER I 93 4.97 19.79 35.63
C SER I 93 5.92 19.16 36.63
N ALA I 94 6.56 18.06 36.25
CA ALA I 94 7.46 17.35 37.17
C ALA I 94 8.92 17.50 36.78
N ARG J 1 9.95 36.06 -4.56
CA ARG J 1 10.89 35.90 -5.65
C ARG J 1 11.80 34.71 -5.38
N SER J 2 11.30 33.75 -4.61
CA SER J 2 12.09 32.59 -4.20
C SER J 2 12.38 31.69 -5.39
N ARG J 3 13.52 30.99 -5.36
CA ARG J 3 13.94 30.15 -6.49
C ARG J 3 13.58 28.70 -6.15
N LYS J 4 12.69 28.11 -6.93
CA LYS J 4 12.25 26.74 -6.72
C LYS J 4 12.78 25.82 -7.81
N GLU J 5 13.22 24.63 -7.42
CA GLU J 5 13.90 23.69 -8.29
C GLU J 5 12.92 22.70 -8.90
N SER J 6 13.24 22.24 -10.10
CA SER J 6 12.53 21.16 -10.75
C SER J 6 13.54 20.34 -11.56
N TYR J 7 13.03 19.36 -12.29
CA TYR J 7 13.84 18.58 -13.22
C TYR J 7 13.55 18.93 -14.66
N SER J 8 12.90 20.07 -14.91
CA SER J 8 12.40 20.38 -16.24
C SER J 8 13.52 20.72 -17.21
N VAL J 9 14.67 21.14 -16.71
CA VAL J 9 15.83 21.34 -17.58
C VAL J 9 16.35 20.00 -18.08
N TYR J 10 16.39 19.00 -17.20
CA TYR J 10 17.03 17.74 -17.50
C TYR J 10 16.12 16.80 -18.28
N VAL J 11 14.82 16.89 -18.05
CA VAL J 11 13.86 16.12 -18.85
C VAL J 11 13.88 16.61 -20.29
N TYR J 12 14.01 17.91 -20.48
CA TYR J 12 14.03 18.45 -21.84
C TYR J 12 15.35 18.19 -22.55
N LYS J 13 16.41 17.84 -21.84
CA LYS J 13 17.64 17.40 -22.51
C LYS J 13 17.56 15.95 -22.93
N VAL J 14 16.92 15.11 -22.12
CA VAL J 14 16.77 13.70 -22.46
C VAL J 14 15.79 13.53 -23.62
N LEU J 15 14.78 14.41 -23.70
CA LEU J 15 13.81 14.34 -24.79
C LEU J 15 14.46 14.68 -26.13
N LYS J 16 15.41 15.61 -26.13
CA LYS J 16 16.07 15.95 -27.39
C LYS J 16 17.17 14.98 -27.78
N GLN J 17 17.48 13.99 -26.96
CA GLN J 17 18.35 12.90 -27.37
C GLN J 17 17.57 11.68 -27.84
N VAL J 18 16.29 11.64 -27.58
CA VAL J 18 15.44 10.51 -27.96
C VAL J 18 14.56 10.86 -29.15
N HIS J 19 13.84 11.97 -29.06
CA HIS J 19 13.02 12.51 -30.15
C HIS J 19 13.43 13.95 -30.35
N PRO J 20 14.39 14.24 -31.23
CA PRO J 20 14.91 15.61 -31.34
C PRO J 20 13.98 16.59 -32.02
N ASP J 21 12.90 16.13 -32.65
CA ASP J 21 11.90 17.00 -33.25
C ASP J 21 10.53 16.83 -32.58
N THR J 22 10.52 16.74 -31.26
CA THR J 22 9.30 16.58 -30.50
C THR J 22 9.37 17.46 -29.26
N GLY J 23 8.27 18.15 -28.96
CA GLY J 23 8.18 18.98 -27.78
C GLY J 23 7.30 18.37 -26.72
N ILE J 24 7.03 19.17 -25.69
CA ILE J 24 6.28 18.71 -24.54
C ILE J 24 5.43 19.88 -24.03
N SER J 25 4.31 19.56 -23.40
CA SER J 25 3.45 20.59 -22.83
C SER J 25 4.02 21.08 -21.51
N SER J 26 3.32 22.01 -20.86
CA SER J 26 3.70 22.36 -19.50
C SER J 26 3.09 21.37 -18.52
N LYS J 27 1.87 20.93 -18.78
CA LYS J 27 1.22 19.96 -17.92
C LYS J 27 1.84 18.57 -18.01
N ALA J 28 2.47 18.23 -19.14
CA ALA J 28 3.18 16.98 -19.22
C ALA J 28 4.58 17.07 -18.64
N MET J 29 5.14 18.27 -18.53
CA MET J 29 6.39 18.42 -17.81
C MET J 29 6.19 18.39 -16.31
N GLY J 30 5.05 18.90 -15.82
CA GLY J 30 4.73 18.77 -14.41
C GLY J 30 4.41 17.37 -13.98
N ILE J 31 4.10 16.48 -14.92
CA ILE J 31 3.93 15.07 -14.60
C ILE J 31 5.27 14.36 -14.61
N MET J 32 6.16 14.74 -15.51
CA MET J 32 7.51 14.18 -15.49
C MET J 32 8.34 14.70 -14.32
N ASN J 33 7.97 15.85 -13.75
CA ASN J 33 8.57 16.23 -12.48
C ASN J 33 8.00 15.40 -11.33
N SER J 34 6.73 15.04 -11.40
CA SER J 34 6.15 14.21 -10.36
C SER J 34 6.63 12.77 -10.47
N PHE J 35 7.03 12.34 -11.66
CA PHE J 35 7.55 10.98 -11.83
C PHE J 35 8.93 10.84 -11.24
N VAL J 36 9.81 11.81 -11.50
CA VAL J 36 11.19 11.71 -11.05
C VAL J 36 11.26 11.85 -9.53
N ASN J 37 10.43 12.73 -8.95
CA ASN J 37 10.38 12.86 -7.51
C ASN J 37 9.87 11.59 -6.85
N ASP J 38 8.96 10.89 -7.50
CA ASP J 38 8.38 9.69 -6.91
C ASP J 38 9.35 8.53 -6.93
N ILE J 39 9.99 8.29 -8.07
CA ILE J 39 10.96 7.20 -8.19
C ILE J 39 12.22 7.49 -7.38
N PHE J 40 12.54 8.76 -7.15
CA PHE J 40 13.65 9.10 -6.26
C PHE J 40 13.36 8.65 -4.84
N GLU J 41 12.18 8.99 -4.32
CA GLU J 41 11.88 8.66 -2.94
C GLU J 41 11.49 7.20 -2.74
N ARG J 42 11.21 6.46 -3.80
CA ARG J 42 11.06 5.03 -3.63
C ARG J 42 12.41 4.36 -3.46
N ILE J 43 13.37 4.75 -4.30
CA ILE J 43 14.69 4.12 -4.28
C ILE J 43 15.50 4.59 -3.08
N ALA J 44 15.44 5.88 -2.78
CA ALA J 44 16.14 6.37 -1.59
C ALA J 44 15.45 5.92 -0.31
N GLY J 45 14.14 5.67 -0.37
CA GLY J 45 13.45 5.14 0.79
C GLY J 45 13.73 3.67 1.04
N GLU J 46 13.96 2.90 -0.02
CA GLU J 46 14.28 1.49 0.15
C GLU J 46 15.75 1.29 0.49
N ALA J 47 16.65 2.09 -0.09
CA ALA J 47 18.06 2.03 0.26
C ALA J 47 18.31 2.52 1.68
N SER J 48 17.43 3.37 2.21
CA SER J 48 17.55 3.77 3.60
C SER J 48 17.24 2.62 4.55
N ARG J 49 16.38 1.70 4.14
CA ARG J 49 16.07 0.55 4.98
C ARG J 49 17.10 -0.56 4.84
N LEU J 50 17.66 -0.74 3.65
CA LEU J 50 18.73 -1.72 3.46
C LEU J 50 19.97 -1.39 4.25
N ALA J 51 20.31 -0.10 4.36
CA ALA J 51 21.43 0.30 5.19
C ALA J 51 21.10 0.15 6.67
N HIS J 52 19.84 0.33 7.03
CA HIS J 52 19.45 0.20 8.42
C HIS J 52 19.30 -1.25 8.85
N TYR J 53 18.89 -2.14 7.94
CA TYR J 53 18.72 -3.53 8.30
C TYR J 53 20.06 -4.21 8.56
N ASN J 54 21.09 -3.84 7.82
CA ASN J 54 22.41 -4.45 7.98
C ASN J 54 23.29 -3.68 8.93
N LYS J 55 22.69 -2.74 9.68
CA LYS J 55 23.37 -1.90 10.66
C LYS J 55 24.53 -1.12 10.05
N ARG J 56 24.36 -0.65 8.83
CA ARG J 56 25.30 0.27 8.21
C ARG J 56 24.80 1.69 8.37
N SER J 57 25.68 2.64 8.10
CA SER J 57 25.32 4.04 8.15
C SER J 57 25.57 4.77 6.84
N THR J 58 26.09 4.09 5.84
CA THR J 58 26.41 4.69 4.55
C THR J 58 25.49 4.09 3.51
N ILE J 59 24.89 4.94 2.68
CA ILE J 59 24.23 4.51 1.46
C ILE J 59 25.27 4.59 0.35
N THR J 60 25.68 3.44 -0.15
CA THR J 60 26.61 3.37 -1.26
C THR J 60 25.84 3.06 -2.52
N SER J 61 26.56 2.83 -3.62
CA SER J 61 25.91 2.40 -4.84
C SER J 61 25.40 0.97 -4.75
N ARG J 62 25.91 0.20 -3.80
CA ARG J 62 25.49 -1.17 -3.64
C ARG J 62 24.15 -1.27 -2.93
N GLU J 63 23.81 -0.30 -2.08
CA GLU J 63 22.45 -0.20 -1.57
C GLU J 63 21.47 0.36 -2.59
N ILE J 64 21.96 0.91 -3.70
CA ILE J 64 21.07 1.37 -4.75
C ILE J 64 20.94 0.34 -5.86
N GLN J 65 21.92 -0.57 -6.03
CA GLN J 65 21.68 -1.71 -6.91
C GLN J 65 20.58 -2.59 -6.36
N THR J 66 20.58 -2.82 -5.05
CA THR J 66 19.60 -3.71 -4.46
C THR J 66 18.23 -3.07 -4.43
N ALA J 67 18.16 -1.75 -4.21
CA ALA J 67 16.88 -1.08 -4.20
C ALA J 67 16.29 -0.98 -5.61
N VAL J 68 17.12 -0.94 -6.65
CA VAL J 68 16.62 -1.03 -8.00
C VAL J 68 16.10 -2.43 -8.30
N ARG J 69 16.81 -3.47 -7.84
CA ARG J 69 16.37 -4.84 -8.08
C ARG J 69 15.10 -5.19 -7.32
N LEU J 70 14.86 -4.52 -6.19
CA LEU J 70 13.62 -4.73 -5.46
C LEU J 70 12.44 -4.01 -6.09
N LEU J 71 12.64 -2.78 -6.52
CA LEU J 71 11.53 -1.92 -6.94
C LEU J 71 11.19 -2.06 -8.41
N LEU J 72 12.17 -2.08 -9.26
CA LEU J 72 11.83 -2.08 -10.67
C LEU J 72 11.52 -3.48 -11.15
N PRO J 73 10.48 -3.65 -11.95
CA PRO J 73 10.06 -5.00 -12.32
C PRO J 73 10.81 -5.58 -13.51
N GLY J 74 11.19 -6.85 -13.42
CA GLY J 74 11.55 -7.66 -14.57
C GLY J 74 12.75 -7.16 -15.36
N GLU J 75 12.54 -6.98 -16.67
CA GLU J 75 13.60 -6.54 -17.56
C GLU J 75 13.90 -5.06 -17.38
N LEU J 76 12.94 -4.30 -16.85
CA LEU J 76 13.14 -2.88 -16.59
C LEU J 76 14.16 -2.65 -15.48
N ALA J 77 14.32 -3.61 -14.58
CA ALA J 77 15.39 -3.54 -13.59
C ALA J 77 16.72 -4.03 -14.15
N LYS J 78 16.68 -4.81 -15.22
CA LYS J 78 17.91 -5.39 -15.75
C LYS J 78 18.68 -4.38 -16.57
N HIS J 79 17.98 -3.50 -17.29
CA HIS J 79 18.64 -2.45 -18.05
C HIS J 79 19.03 -1.27 -17.16
N ALA J 80 18.32 -1.07 -16.05
CA ALA J 80 18.64 0.05 -15.16
C ALA J 80 19.87 -0.22 -14.32
N VAL J 81 20.22 -1.48 -14.08
CA VAL J 81 21.47 -1.79 -13.40
C VAL J 81 22.64 -1.67 -14.37
N SER J 82 22.42 -2.06 -15.63
CA SER J 82 23.42 -1.90 -16.67
C SER J 82 23.72 -0.43 -16.92
N GLU J 83 22.69 0.41 -16.92
CA GLU J 83 22.85 1.85 -17.03
C GLU J 83 23.47 2.47 -15.79
N GLY J 84 23.36 1.81 -14.64
CA GLY J 84 23.89 2.33 -13.42
C GLY J 84 25.36 2.00 -13.18
N THR J 85 25.75 0.74 -13.38
CA THR J 85 27.14 0.36 -13.18
C THR J 85 28.05 0.98 -14.22
N LYS J 86 27.52 1.25 -15.40
CA LYS J 86 28.31 1.87 -16.44
C LYS J 86 28.59 3.33 -16.12
N ALA J 87 27.66 4.01 -15.44
CA ALA J 87 27.90 5.39 -15.05
C ALA J 87 28.86 5.49 -13.88
N VAL J 88 28.87 4.50 -13.00
CA VAL J 88 29.83 4.51 -11.89
C VAL J 88 31.22 4.15 -12.39
N THR J 89 31.29 3.22 -13.35
CA THR J 89 32.57 2.84 -13.94
C THR J 89 33.20 3.99 -14.71
N LYS J 90 32.39 4.76 -15.44
CA LYS J 90 32.90 5.92 -16.14
C LYS J 90 33.27 7.04 -15.18
N TYR J 91 32.61 7.11 -14.02
CA TYR J 91 32.88 8.19 -13.07
C TYR J 91 34.21 7.98 -12.37
N THR J 92 34.53 6.73 -12.00
CA THR J 92 35.78 6.47 -11.29
C THR J 92 36.99 6.50 -12.21
N SER J 93 36.78 6.38 -13.52
CA SER J 93 37.88 6.45 -14.46
C SER J 93 38.24 7.90 -14.80
N ALA J 94 37.32 8.83 -14.57
CA ALA J 94 37.54 10.22 -14.93
C ALA J 94 37.75 11.09 -13.69
#